data_7SFG
#
_entry.id   7SFG
#
_cell.length_a   161.776
_cell.length_b   77.476
_cell.length_c   116.709
_cell.angle_alpha   90.000
_cell.angle_beta   125.668
_cell.angle_gamma   90.000
#
_symmetry.space_group_name_H-M   'C 1 2 1'
#
loop_
_entity.id
_entity.type
_entity.pdbx_description
1 polymer 'DNA (cytosine-5)-methyltransferase 1'
2 polymer 'DNA Strand 1'
3 polymer 'DNA Strand 2'
4 non-polymer 'ZINC ION'
5 non-polymer S-ADENOSYLMETHIONINE
6 non-polymer GLYCEROL
7 non-polymer 1,2-ETHANEDIOL
8 water water
#
loop_
_entity_poly.entity_id
_entity_poly.type
_entity_poly.pdbx_seq_one_letter_code
_entity_poly.pdbx_strand_id
1 'polypeptide(L)'
;HMNRISWVGEAVKTDGKKSYYKKVCIDAETLEVGDCVSVIPDDSSKPLYLARVTALWEDSSNGQMFHAHWFCAGTDTVLG
ATSDPLELFLVDECEDMQLSYIHSKVKVIYKAPSENWAMEGGMDPESLLEGDDGKTYFYQLWYDQDYARFESPPKTQPTE
DNKFKFCVSCARLAEMRQKEIPRVLEQLEDLDSRVLYYSATKNGILYRVGDGVYLPPEAFTFNIKLSSPVKRPRKEPVDE
DLYPEHYRKYSDYIKGSNLDAPEPYRIGRIKEIFCPKKSNGRPNETDIKIRVNKFYRPENTHKSTPASYHADINLLYWSD
EEAVVDFKAVQGRCTVEYGEDLPECVQVYSMGGPNRFYFLEAYNAKSKSFEDPPNHARSPGNKGKGKGKGKGKPKSQACE
PSEPEIEIKLPKLRTLDVFSGCGGLSEGFHQAGISDTLWAIEMWDPAAQAFRLNNPGSTVFTEDCNILLKLVMAGETTNS
RGQRLPQKGDVEMLCGGPPCQGFSGMNRFNSRTYSKFKNSLVVSFLSYCDYYRPRFFLLENVRNFVSFKRSMVLKLTLRC
LVRMGYQCTFGVLQAGQYGVAQTRRRAIILAAAPGEKLPLFPEPLHVFAPRACQLSVVVDDKKFVSNITRLSSGPFRTIT
VRDTMSDLPEVRNGASALEISYNGEPQSWFQRQLRGAQYQPILRDHICKDMSALVAARMRHIPLAPGSDWRDLPNIEVRL
SDGTMARKLRYTHHDRKNGRSSSGALRGVCSCVEAGKACDPAARQFNTLIPWCLPHTGNRHNHWAGLYGRLEWDGFFSTT
VTNPEPMGKQGRVLHPEQHRVVSVRECARSQGFPDTYRLFGNILDKHRQVGNAVPPPLAKAIGLEIKLCMLAKA
;
A
2 'polydeoxyribonucleotide' (DG)(DA)(DG)(DG)(DC)(5CM)(DG)(DC)(DC)(DT)(DG)(DC) C
3 'polydeoxyribonucleotide' (DG)(DC)(DA)(DG)(DG)(PYO)(DG)(DG)(DC)(DC)(DT)(DC) D
#
# COMPACT_ATOMS: atom_id res chain seq x y z
N ARG A 4 20.50 -25.36 48.37
CA ARG A 4 19.20 -25.13 47.76
C ARG A 4 19.27 -25.24 46.23
N ILE A 5 20.17 -24.48 45.61
CA ILE A 5 20.42 -24.56 44.17
C ILE A 5 21.75 -25.27 43.96
N SER A 6 21.71 -26.38 43.23
CA SER A 6 22.90 -27.20 43.00
C SER A 6 22.86 -27.75 41.59
N TRP A 7 24.02 -27.78 40.93
CA TRP A 7 24.10 -28.22 39.55
C TRP A 7 24.03 -29.74 39.45
N VAL A 8 23.40 -30.22 38.39
CA VAL A 8 23.32 -31.64 38.08
C VAL A 8 24.42 -31.95 37.07
N GLY A 9 25.40 -32.74 37.50
CA GLY A 9 26.51 -33.14 36.65
C GLY A 9 27.76 -32.29 36.83
N GLU A 10 28.55 -32.16 35.77
CA GLU A 10 29.71 -31.28 35.71
C GLU A 10 29.52 -30.31 34.55
N ALA A 11 30.57 -29.54 34.26
CA ALA A 11 30.47 -28.44 33.29
C ALA A 11 30.60 -28.96 31.86
N VAL A 12 29.57 -28.73 31.05
CA VAL A 12 29.61 -29.15 29.65
C VAL A 12 30.70 -28.37 28.91
N LYS A 13 30.73 -27.05 29.08
CA LYS A 13 31.72 -26.19 28.46
C LYS A 13 32.18 -25.14 29.46
N THR A 14 33.43 -24.72 29.32
CA THR A 14 34.03 -23.70 30.19
C THR A 14 34.61 -22.59 29.32
N ASP A 15 34.04 -21.40 29.42
CA ASP A 15 34.51 -20.28 28.61
C ASP A 15 35.51 -19.42 29.39
N GLY A 16 35.13 -18.19 29.70
CA GLY A 16 35.98 -17.26 30.42
C GLY A 16 35.55 -17.17 31.88
N LYS A 17 34.68 -16.21 32.20
CA LYS A 17 34.15 -16.11 33.56
C LYS A 17 33.01 -17.07 33.82
N LYS A 18 32.33 -17.54 32.78
CA LYS A 18 31.12 -18.35 32.89
C LYS A 18 31.43 -19.84 32.71
N SER A 19 30.85 -20.66 33.59
CA SER A 19 30.95 -22.11 33.52
C SER A 19 29.56 -22.69 33.28
N TYR A 20 29.38 -23.35 32.13
CA TYR A 20 28.09 -23.87 31.69
C TYR A 20 27.79 -25.25 32.29
N TYR A 21 26.51 -25.57 32.39
CA TYR A 21 26.07 -26.91 32.76
C TYR A 21 24.92 -27.33 31.84
N LYS A 22 24.51 -28.59 31.97
CA LYS A 22 23.43 -29.14 31.15
C LYS A 22 22.08 -29.16 31.85
N LYS A 23 22.04 -29.56 33.13
CA LYS A 23 20.80 -29.61 33.90
C LYS A 23 21.08 -29.17 35.32
N VAL A 24 20.06 -28.59 35.96
CA VAL A 24 20.18 -27.99 37.29
C VAL A 24 18.99 -28.42 38.14
N CYS A 25 19.16 -28.32 39.45
CA CYS A 25 18.17 -28.74 40.42
C CYS A 25 17.93 -27.62 41.43
N ILE A 26 16.68 -27.14 41.51
CA ILE A 26 16.27 -26.12 42.47
C ILE A 26 15.20 -26.72 43.36
N ASP A 27 15.51 -26.86 44.66
CA ASP A 27 14.62 -27.44 45.66
C ASP A 27 14.22 -28.86 45.27
N ALA A 28 12.99 -29.04 44.77
CA ALA A 28 12.51 -30.33 44.32
C ALA A 28 12.42 -30.46 42.81
N GLU A 29 12.15 -29.37 42.08
CA GLU A 29 12.09 -29.44 40.63
C GLU A 29 13.49 -29.55 40.04
N THR A 30 13.56 -30.02 38.80
CA THR A 30 14.82 -30.13 38.08
C THR A 30 14.60 -29.63 36.65
N LEU A 31 15.42 -28.67 36.24
CA LEU A 31 15.25 -27.99 34.96
C LEU A 31 16.39 -28.35 34.02
N GLU A 32 16.04 -28.61 32.76
CA GLU A 32 16.98 -28.96 31.71
C GLU A 32 16.75 -28.06 30.51
N VAL A 33 17.85 -27.77 29.79
CA VAL A 33 17.80 -26.96 28.57
C VAL A 33 16.69 -27.46 27.66
N GLY A 34 15.70 -26.60 27.40
CA GLY A 34 14.50 -26.95 26.66
C GLY A 34 13.24 -26.77 27.49
N ASP A 35 13.32 -26.97 28.80
CA ASP A 35 12.17 -26.80 29.66
C ASP A 35 11.73 -25.33 29.66
N CYS A 36 10.44 -25.12 29.88
CA CYS A 36 9.87 -23.78 29.94
C CYS A 36 9.57 -23.41 31.39
N VAL A 37 9.78 -22.14 31.73
CA VAL A 37 9.70 -21.65 33.10
C VAL A 37 8.93 -20.34 33.13
N SER A 38 8.58 -19.90 34.33
CA SER A 38 7.93 -18.61 34.54
C SER A 38 8.76 -17.74 35.46
N VAL A 39 8.55 -16.43 35.34
CA VAL A 39 9.28 -15.40 36.07
C VAL A 39 8.31 -14.30 36.48
N ILE A 40 8.39 -13.88 37.75
CA ILE A 40 7.60 -12.75 38.25
C ILE A 40 8.27 -11.45 37.83
N PRO A 41 7.51 -10.40 37.52
CA PRO A 41 8.12 -9.20 36.96
C PRO A 41 9.00 -8.47 37.97
N ASP A 42 9.85 -7.59 37.45
CA ASP A 42 10.55 -6.65 38.32
C ASP A 42 9.59 -5.66 38.97
N ASP A 43 8.42 -5.47 38.38
CA ASP A 43 7.32 -4.72 38.98
C ASP A 43 6.27 -5.74 39.41
N SER A 44 6.05 -5.85 40.72
CA SER A 44 5.21 -6.91 41.28
C SER A 44 3.78 -6.92 40.74
N SER A 45 3.38 -5.90 39.97
CA SER A 45 1.99 -5.81 39.54
C SER A 45 1.69 -6.72 38.36
N LYS A 46 2.55 -6.68 37.33
CA LYS A 46 2.24 -7.30 36.04
C LYS A 46 2.11 -8.82 36.16
N PRO A 47 1.49 -9.48 35.18
CA PRO A 47 1.44 -10.95 35.18
C PRO A 47 2.83 -11.57 35.06
N LEU A 48 2.87 -12.89 35.25
CA LEU A 48 4.12 -13.62 35.15
C LEU A 48 4.57 -13.69 33.69
N TYR A 49 5.88 -13.59 33.48
CA TYR A 49 6.47 -13.83 32.17
C TYR A 49 6.76 -15.31 32.00
N LEU A 50 6.73 -15.76 30.75
CA LEU A 50 7.03 -17.14 30.39
C LEU A 50 8.23 -17.17 29.44
N ALA A 51 9.10 -18.15 29.60
CA ALA A 51 10.25 -18.26 28.72
C ALA A 51 10.70 -19.71 28.60
N ARG A 52 11.46 -19.98 27.54
CA ARG A 52 12.15 -21.26 27.39
C ARG A 52 13.61 -21.12 27.86
N VAL A 53 14.09 -22.13 28.57
CA VAL A 53 15.48 -22.15 28.99
C VAL A 53 16.35 -22.57 27.83
N THR A 54 17.35 -21.76 27.52
CA THR A 54 18.31 -22.04 26.46
C THR A 54 19.63 -22.56 26.98
N ALA A 55 20.12 -21.98 28.06
CA ALA A 55 21.44 -22.30 28.59
C ALA A 55 21.38 -22.28 30.11
N LEU A 56 22.32 -22.99 30.72
CA LEU A 56 22.50 -22.99 32.16
C LEU A 56 23.97 -22.80 32.46
N TRP A 57 24.30 -21.83 33.31
CA TRP A 57 25.69 -21.54 33.60
C TRP A 57 25.78 -20.69 34.86
N GLU A 58 26.99 -20.59 35.40
CA GLU A 58 27.32 -19.67 36.47
C GLU A 58 28.64 -18.98 36.15
N ASP A 59 28.72 -17.69 36.41
CA ASP A 59 29.93 -16.93 36.13
C ASP A 59 30.73 -16.68 37.40
N SER A 60 31.99 -16.31 37.21
CA SER A 60 32.94 -16.19 38.31
C SER A 60 32.85 -14.86 39.05
N SER A 61 31.77 -14.09 38.88
CA SER A 61 31.58 -12.86 39.64
C SER A 61 30.18 -12.79 40.23
N ASN A 62 29.17 -12.98 39.38
CA ASN A 62 27.78 -12.97 39.79
C ASN A 62 27.29 -14.42 39.97
N GLY A 63 26.02 -14.58 40.31
CA GLY A 63 25.50 -15.89 40.68
C GLY A 63 25.32 -16.89 39.55
N GLN A 64 24.46 -17.88 39.76
CA GLN A 64 24.11 -18.83 38.71
C GLN A 64 23.16 -18.18 37.71
N MET A 65 23.33 -18.53 36.44
CA MET A 65 22.66 -17.82 35.35
C MET A 65 21.95 -18.81 34.42
N PHE A 66 21.03 -18.27 33.63
CA PHE A 66 20.40 -19.03 32.56
C PHE A 66 20.01 -18.07 31.44
N HIS A 67 19.72 -18.63 30.27
CA HIS A 67 19.32 -17.83 29.11
C HIS A 67 17.82 -18.00 28.90
N ALA A 68 17.11 -16.87 28.79
CA ALA A 68 15.65 -16.87 28.75
C ALA A 68 15.17 -16.41 27.38
N HIS A 69 14.51 -17.31 26.66
CA HIS A 69 13.90 -16.96 25.38
C HIS A 69 12.41 -16.73 25.63
N TRP A 70 12.01 -15.47 25.69
CA TRP A 70 10.67 -15.13 26.15
C TRP A 70 9.60 -15.55 25.16
N PHE A 71 8.44 -15.94 25.70
CA PHE A 71 7.22 -16.03 24.91
C PHE A 71 6.49 -14.69 24.96
N CYS A 72 5.61 -14.49 23.98
CA CYS A 72 4.73 -13.32 23.97
C CYS A 72 3.30 -13.78 24.27
N ALA A 73 2.72 -13.21 25.32
CA ALA A 73 1.31 -13.45 25.62
C ALA A 73 0.43 -12.91 24.50
N GLY A 74 -0.73 -13.56 24.30
CA GLY A 74 -1.61 -13.16 23.23
C GLY A 74 -2.08 -11.72 23.32
N THR A 75 -2.33 -11.24 24.54
CA THR A 75 -2.83 -9.88 24.71
C THR A 75 -1.77 -8.82 24.42
N ASP A 76 -0.50 -9.18 24.50
CA ASP A 76 0.56 -8.23 24.15
C ASP A 76 0.75 -8.10 22.65
N THR A 77 0.03 -8.89 21.86
CA THR A 77 0.03 -8.77 20.41
C THR A 77 -1.14 -7.88 19.98
N VAL A 78 -1.21 -7.63 18.66
CA VAL A 78 -2.29 -6.81 18.11
C VAL A 78 -3.67 -7.41 18.41
N LEU A 79 -3.76 -8.72 18.67
CA LEU A 79 -5.03 -9.35 18.97
C LEU A 79 -5.67 -8.77 20.24
N GLY A 80 -4.85 -8.25 21.17
CA GLY A 80 -5.39 -7.73 22.41
C GLY A 80 -6.16 -8.78 23.18
N ALA A 81 -7.29 -8.37 23.77
CA ALA A 81 -8.08 -9.28 24.58
C ALA A 81 -8.94 -10.24 23.76
N THR A 82 -8.86 -10.22 22.43
CA THR A 82 -9.56 -11.24 21.67
C THR A 82 -8.76 -12.54 21.56
N SER A 83 -7.52 -12.55 22.06
CA SER A 83 -6.66 -13.73 21.99
C SER A 83 -7.15 -14.82 22.94
N ASP A 84 -6.87 -16.06 22.58
CA ASP A 84 -7.04 -17.17 23.50
C ASP A 84 -6.17 -16.93 24.74
N PRO A 85 -6.71 -17.08 25.95
CA PRO A 85 -5.88 -16.85 27.15
C PRO A 85 -4.68 -17.78 27.25
N LEU A 86 -4.72 -18.96 26.63
CA LEU A 86 -3.65 -19.94 26.75
C LEU A 86 -2.65 -19.88 25.60
N GLU A 87 -2.90 -19.04 24.60
CA GLU A 87 -2.05 -19.00 23.42
C GLU A 87 -0.87 -18.05 23.64
N LEU A 88 0.33 -18.55 23.34
CA LEU A 88 1.56 -17.78 23.35
C LEU A 88 2.07 -17.62 21.92
N PHE A 89 3.03 -16.71 21.75
CA PHE A 89 3.61 -16.49 20.45
C PHE A 89 5.12 -16.38 20.59
N LEU A 90 5.84 -17.02 19.67
CA LEU A 90 7.30 -16.93 19.64
C LEU A 90 7.73 -15.55 19.17
N VAL A 91 8.71 -14.96 19.86
CA VAL A 91 9.24 -13.65 19.50
C VAL A 91 10.76 -13.71 19.57
N ASP A 92 11.39 -12.72 18.93
CA ASP A 92 12.85 -12.59 18.96
C ASP A 92 13.28 -11.65 20.09
N GLU A 93 12.90 -12.04 21.31
CA GLU A 93 13.27 -11.31 22.52
C GLU A 93 13.82 -12.30 23.52
N CYS A 94 15.01 -12.02 24.05
CA CYS A 94 15.66 -12.92 25.00
C CYS A 94 16.72 -12.14 25.76
N GLU A 95 17.19 -12.74 26.86
CA GLU A 95 18.18 -12.12 27.73
C GLU A 95 18.73 -13.16 28.70
N ASP A 96 19.97 -12.93 29.15
CA ASP A 96 20.56 -13.70 30.23
C ASP A 96 20.01 -13.23 31.56
N MET A 97 19.67 -14.18 32.44
CA MET A 97 19.07 -13.87 33.73
C MET A 97 19.65 -14.76 34.82
N GLN A 98 19.60 -14.26 36.04
CA GLN A 98 19.96 -15.06 37.21
C GLN A 98 18.88 -16.09 37.49
N LEU A 99 19.30 -17.32 37.83
CA LEU A 99 18.35 -18.39 38.15
C LEU A 99 17.39 -18.00 39.27
N SER A 100 17.78 -17.08 40.16
CA SER A 100 16.94 -16.68 41.27
C SER A 100 15.63 -16.02 40.84
N TYR A 101 15.49 -15.63 39.58
CA TYR A 101 14.23 -15.04 39.11
C TYR A 101 13.21 -16.09 38.67
N ILE A 102 13.65 -17.33 38.44
CA ILE A 102 12.75 -18.37 37.97
C ILE A 102 11.72 -18.67 39.04
N HIS A 103 10.44 -18.57 38.68
CA HIS A 103 9.38 -18.80 39.65
C HIS A 103 8.96 -20.26 39.69
N SER A 104 8.76 -20.89 38.53
CA SER A 104 8.38 -22.31 38.49
C SER A 104 8.58 -22.83 37.07
N LYS A 105 8.54 -24.15 36.96
CA LYS A 105 8.49 -24.81 35.66
C LYS A 105 7.07 -24.74 35.12
N VAL A 106 6.97 -24.65 33.79
CA VAL A 106 5.69 -24.47 33.11
C VAL A 106 5.67 -25.37 31.88
N LYS A 107 4.53 -25.99 31.62
CA LYS A 107 4.33 -26.80 30.43
C LYS A 107 3.78 -25.93 29.31
N VAL A 108 4.42 -25.96 28.14
CA VAL A 108 3.87 -25.35 26.94
C VAL A 108 3.93 -26.38 25.81
N ILE A 109 2.87 -26.44 25.02
CA ILE A 109 2.78 -27.39 23.92
C ILE A 109 2.87 -26.62 22.62
N TYR A 110 3.54 -27.20 21.63
CA TYR A 110 3.55 -26.66 20.28
C TYR A 110 2.38 -27.26 19.53
N LYS A 111 1.44 -26.41 19.12
CA LYS A 111 0.24 -26.85 18.40
C LYS A 111 0.50 -26.71 16.91
N ALA A 112 1.14 -27.76 16.32
CA ALA A 112 1.48 -27.78 14.91
C ALA A 112 0.24 -28.06 14.06
N PRO A 113 0.12 -27.42 12.89
CA PRO A 113 -0.98 -27.77 11.99
C PRO A 113 -0.91 -29.21 11.55
N SER A 114 -2.07 -29.78 11.26
CA SER A 114 -2.16 -31.17 10.88
C SER A 114 -1.71 -31.38 9.43
N GLU A 115 -1.28 -32.60 9.14
CA GLU A 115 -1.05 -32.98 7.75
C GLU A 115 -2.34 -32.92 6.93
N ASN A 116 -3.48 -32.85 7.60
CA ASN A 116 -4.79 -32.76 6.98
C ASN A 116 -5.46 -31.41 7.27
N TRP A 117 -4.65 -30.36 7.43
CA TRP A 117 -5.18 -29.06 7.83
C TRP A 117 -6.08 -28.45 6.77
N ALA A 118 -5.79 -28.68 5.49
CA ALA A 118 -6.59 -28.11 4.42
C ALA A 118 -8.01 -28.65 4.38
N MET A 119 -8.26 -29.82 4.96
CA MET A 119 -9.58 -30.42 4.96
C MET A 119 -10.35 -30.21 6.25
N GLU A 120 -9.80 -29.46 7.21
CA GLU A 120 -10.37 -29.39 8.55
C GLU A 120 -11.34 -28.22 8.74
N GLY A 121 -11.65 -27.48 7.67
CA GLY A 121 -12.55 -26.36 7.79
C GLY A 121 -14.00 -26.75 7.68
N GLY A 122 -14.87 -25.90 8.22
CA GLY A 122 -16.30 -26.11 8.14
C GLY A 122 -16.81 -27.25 9.00
N MET A 123 -16.52 -27.19 10.30
CA MET A 123 -17.02 -28.18 11.24
C MET A 123 -17.79 -27.56 12.41
N ASP A 124 -17.71 -26.25 12.60
CA ASP A 124 -18.46 -25.55 13.64
C ASP A 124 -18.46 -24.04 13.38
N LYS A 135 -6.60 -26.89 28.45
CA LYS A 135 -6.28 -26.10 29.63
C LYS A 135 -4.78 -26.02 29.90
N THR A 136 -3.98 -25.79 28.84
CA THR A 136 -2.53 -25.67 28.96
C THR A 136 -2.05 -24.58 28.00
N TYR A 137 -0.91 -23.98 28.31
CA TYR A 137 -0.29 -23.04 27.40
C TYR A 137 0.11 -23.74 26.10
N PHE A 138 -0.10 -23.06 24.98
CA PHE A 138 0.31 -23.59 23.69
C PHE A 138 0.76 -22.45 22.79
N TYR A 139 1.61 -22.78 21.82
CA TYR A 139 1.95 -21.83 20.77
C TYR A 139 1.85 -22.51 19.41
N GLN A 140 1.49 -21.73 18.40
CA GLN A 140 1.52 -22.19 17.02
C GLN A 140 2.29 -21.28 16.08
N LEU A 141 2.42 -20.01 16.40
CA LEU A 141 2.94 -19.03 15.46
C LEU A 141 4.00 -18.15 16.12
N TRP A 142 4.79 -17.51 15.26
CA TRP A 142 5.81 -16.55 15.63
C TRP A 142 5.30 -15.16 15.28
N TYR A 143 5.53 -14.19 16.16
CA TYR A 143 4.96 -12.87 16.04
C TYR A 143 6.06 -11.81 15.89
N ASP A 144 5.85 -10.88 14.97
CA ASP A 144 6.69 -9.71 14.81
C ASP A 144 5.93 -8.51 15.36
N GLN A 145 6.48 -7.88 16.41
CA GLN A 145 5.75 -6.85 17.13
C GLN A 145 5.73 -5.51 16.42
N ASP A 146 6.67 -5.25 15.50
CA ASP A 146 6.67 -3.98 14.78
C ASP A 146 5.78 -3.98 13.55
N TYR A 147 5.63 -5.13 12.89
CA TYR A 147 4.92 -5.21 11.62
C TYR A 147 3.59 -5.96 11.76
N ALA A 148 3.24 -6.40 12.96
CA ALA A 148 2.01 -7.15 13.21
C ALA A 148 1.89 -8.32 12.24
N ARG A 149 2.91 -9.16 12.25
CA ARG A 149 2.99 -10.35 11.41
C ARG A 149 2.96 -11.59 12.30
N PHE A 150 2.07 -12.53 11.98
CA PHE A 150 2.10 -13.87 12.53
C PHE A 150 2.60 -14.81 11.44
N GLU A 151 3.64 -15.58 11.73
CA GLU A 151 4.24 -16.47 10.74
C GLU A 151 4.59 -17.81 11.37
N SER A 152 4.75 -18.82 10.50
CA SER A 152 5.14 -20.15 10.96
C SER A 152 6.49 -20.10 11.66
N PRO A 153 6.69 -20.89 12.71
CA PRO A 153 7.95 -20.82 13.47
C PRO A 153 9.13 -21.08 12.57
N PRO A 154 10.23 -20.36 12.75
CA PRO A 154 11.40 -20.57 11.88
C PRO A 154 12.01 -21.95 12.10
N LYS A 155 12.73 -22.41 11.08
CA LYS A 155 13.37 -23.71 11.08
C LYS A 155 14.89 -23.58 11.23
N THR A 156 15.34 -22.60 12.01
CA THR A 156 16.77 -22.43 12.26
C THR A 156 17.30 -23.62 13.06
N GLN A 157 18.26 -24.34 12.48
CA GLN A 157 18.76 -25.53 13.14
C GLN A 157 20.14 -25.26 13.76
N PRO A 158 20.50 -25.96 14.84
CA PRO A 158 21.82 -25.80 15.47
C PRO A 158 22.96 -26.30 14.59
N ASN A 162 28.46 -27.82 18.03
CA ASN A 162 27.74 -26.91 17.14
C ASN A 162 26.39 -26.54 17.71
N LYS A 163 26.38 -25.48 18.53
CA LYS A 163 25.18 -25.00 19.21
C LYS A 163 24.63 -26.03 20.19
N PHE A 164 25.26 -26.16 21.36
CA PHE A 164 24.63 -26.91 22.43
C PHE A 164 23.55 -26.05 23.10
N LYS A 165 23.96 -24.93 23.71
CA LYS A 165 23.05 -23.99 24.36
C LYS A 165 22.48 -23.03 23.32
N PHE A 166 21.68 -23.58 22.42
CA PHE A 166 21.26 -22.88 21.21
C PHE A 166 19.97 -22.10 21.46
N CYS A 167 20.02 -20.79 21.22
CA CYS A 167 18.86 -19.91 21.30
C CYS A 167 18.49 -19.49 19.89
N VAL A 168 17.28 -19.83 19.44
CA VAL A 168 16.89 -19.44 18.09
C VAL A 168 16.74 -17.93 17.98
N SER A 169 16.32 -17.26 19.05
CA SER A 169 16.23 -15.80 19.04
C SER A 169 17.60 -15.17 18.82
N CYS A 170 18.62 -15.66 19.54
CA CYS A 170 19.99 -15.19 19.32
C CYS A 170 20.44 -15.48 17.89
N ALA A 171 20.11 -16.66 17.38
CA ALA A 171 20.55 -17.04 16.04
C ALA A 171 20.00 -16.10 14.98
N ARG A 172 18.71 -15.80 15.06
CA ARG A 172 18.08 -14.92 14.09
C ARG A 172 18.54 -13.48 14.27
N LEU A 173 18.72 -13.03 15.52
CA LEU A 173 19.20 -11.67 15.75
C LEU A 173 20.61 -11.46 15.22
N ALA A 174 21.42 -12.52 15.20
CA ALA A 174 22.76 -12.43 14.64
C ALA A 174 22.73 -12.44 13.12
N GLU A 175 21.97 -13.38 12.53
CA GLU A 175 21.70 -13.35 11.10
C GLU A 175 21.25 -11.97 10.67
N MET A 176 20.31 -11.39 11.42
CA MET A 176 19.78 -10.07 11.08
C MET A 176 20.84 -8.98 11.18
N ARG A 177 21.82 -9.14 12.07
CA ARG A 177 22.89 -8.16 12.19
C ARG A 177 23.88 -8.28 11.03
N GLN A 178 24.30 -9.50 10.71
CA GLN A 178 25.19 -9.70 9.57
C GLN A 178 24.54 -9.33 8.24
N LYS A 179 23.20 -9.32 8.18
CA LYS A 179 22.52 -8.93 6.95
C LYS A 179 22.55 -7.41 6.78
N GLU A 180 22.35 -6.66 7.86
CA GLU A 180 22.27 -5.21 7.75
C GLU A 180 23.63 -4.57 7.52
N ILE A 181 24.71 -5.24 7.89
CA ILE A 181 26.03 -4.60 7.96
C ILE A 181 26.60 -4.48 6.54
N PRO A 182 27.08 -3.31 6.13
CA PRO A 182 27.79 -3.19 4.85
C PRO A 182 29.16 -3.83 4.93
N ARG A 183 29.39 -4.84 4.08
CA ARG A 183 30.66 -5.55 4.04
C ARG A 183 31.16 -5.63 2.60
N VAL A 184 32.47 -5.53 2.43
CA VAL A 184 33.12 -5.77 1.15
C VAL A 184 33.40 -7.25 1.02
N LEU A 185 33.42 -7.76 -0.22
CA LEU A 185 33.62 -9.17 -0.45
C LEU A 185 34.96 -9.35 -1.17
N GLU A 186 34.98 -9.50 -2.49
CA GLU A 186 36.21 -9.83 -3.18
C GLU A 186 37.05 -8.57 -3.38
N GLN A 187 38.32 -8.64 -3.00
CA GLN A 187 39.25 -7.54 -3.27
C GLN A 187 39.48 -7.42 -4.77
N LEU A 188 40.35 -6.49 -5.14
CA LEU A 188 40.60 -6.22 -6.54
C LEU A 188 42.02 -5.69 -6.72
N GLU A 189 42.21 -4.40 -6.44
CA GLU A 189 43.51 -3.76 -6.60
C GLU A 189 43.81 -2.91 -5.37
N ASP A 190 45.06 -2.97 -4.92
CA ASP A 190 45.55 -2.11 -3.85
C ASP A 190 46.21 -0.89 -4.49
N LEU A 191 45.66 0.30 -4.24
CA LEU A 191 46.20 1.53 -4.78
C LEU A 191 47.00 2.27 -3.70
N ASP A 192 47.48 3.46 -4.04
CA ASP A 192 48.20 4.27 -3.07
C ASP A 192 47.33 4.62 -1.88
N SER A 193 46.15 5.21 -2.15
CA SER A 193 45.34 5.86 -1.12
C SER A 193 44.19 4.99 -0.61
N ARG A 194 43.88 3.89 -1.28
CA ARG A 194 42.68 3.12 -0.98
C ARG A 194 42.81 1.75 -1.63
N VAL A 195 41.95 0.83 -1.20
CA VAL A 195 41.88 -0.51 -1.76
C VAL A 195 40.58 -0.63 -2.53
N LEU A 196 40.66 -1.14 -3.77
CA LEU A 196 39.47 -1.38 -4.58
C LEU A 196 38.93 -2.78 -4.32
N TYR A 197 37.61 -2.88 -4.36
CA TYR A 197 36.91 -4.14 -4.23
C TYR A 197 36.05 -4.36 -5.46
N TYR A 198 35.83 -5.64 -5.80
CA TYR A 198 34.98 -5.98 -6.93
C TYR A 198 33.51 -6.04 -6.54
N SER A 199 33.20 -6.40 -5.30
CA SER A 199 31.82 -6.56 -4.88
C SER A 199 31.69 -6.24 -3.40
N ALA A 200 30.44 -6.06 -2.98
CA ALA A 200 30.11 -5.81 -1.59
C ALA A 200 28.65 -6.18 -1.40
N THR A 201 28.24 -6.26 -0.14
CA THR A 201 26.87 -6.63 0.17
C THR A 201 26.31 -5.72 1.26
N LYS A 202 24.99 -5.58 1.24
CA LYS A 202 24.27 -4.72 2.17
C LYS A 202 22.78 -5.09 2.18
N ASN A 203 22.22 -5.36 3.36
CA ASN A 203 20.81 -5.75 3.52
C ASN A 203 20.48 -6.97 2.65
N GLY A 204 21.46 -7.87 2.52
CA GLY A 204 21.30 -9.08 1.75
C GLY A 204 21.41 -8.92 0.25
N ILE A 205 21.79 -7.74 -0.24
CA ILE A 205 21.88 -7.47 -1.67
C ILE A 205 23.35 -7.47 -2.08
N LEU A 206 23.64 -8.12 -3.20
CA LEU A 206 25.00 -8.17 -3.73
C LEU A 206 25.21 -7.03 -4.71
N TYR A 207 26.21 -6.17 -4.45
CA TYR A 207 26.57 -5.10 -5.36
C TYR A 207 27.92 -5.40 -5.99
N ARG A 208 27.99 -5.29 -7.31
CA ARG A 208 29.24 -5.47 -8.05
C ARG A 208 29.57 -4.20 -8.83
N VAL A 209 30.84 -4.09 -9.22
CA VAL A 209 31.25 -3.04 -10.14
C VAL A 209 30.44 -3.17 -11.42
N GLY A 210 29.85 -2.06 -11.87
CA GLY A 210 28.98 -2.06 -13.02
C GLY A 210 27.50 -2.20 -12.71
N ASP A 211 27.13 -2.56 -11.48
CA ASP A 211 25.73 -2.61 -11.12
C ASP A 211 25.15 -1.19 -11.03
N GLY A 212 23.82 -1.11 -11.09
CA GLY A 212 23.13 0.13 -10.84
C GLY A 212 22.72 0.23 -9.37
N VAL A 213 22.77 1.46 -8.85
CA VAL A 213 22.42 1.72 -7.46
C VAL A 213 21.36 2.81 -7.39
N TYR A 214 20.41 2.63 -6.48
CA TYR A 214 19.53 3.71 -6.08
C TYR A 214 20.22 4.56 -5.02
N LEU A 215 20.20 5.88 -5.21
CA LEU A 215 20.78 6.80 -4.25
C LEU A 215 19.74 7.84 -3.84
N PRO A 216 19.80 8.30 -2.59
CA PRO A 216 18.85 9.33 -2.12
C PRO A 216 19.01 10.60 -2.95
N PRO A 217 17.92 11.30 -3.23
CA PRO A 217 18.00 12.43 -4.17
C PRO A 217 18.99 13.51 -3.74
N GLU A 218 19.38 13.55 -2.47
CA GLU A 218 20.41 14.49 -2.03
C GLU A 218 21.80 13.87 -2.01
N ALA A 219 21.97 12.68 -2.60
CA ALA A 219 23.31 12.07 -2.61
C ALA A 219 24.26 12.86 -3.49
N PHE A 220 23.80 13.30 -4.66
CA PHE A 220 24.62 14.16 -5.50
C PHE A 220 23.72 15.09 -6.31
N THR A 221 24.34 16.15 -6.82
CA THR A 221 23.71 17.12 -7.68
C THR A 221 24.16 16.90 -9.12
N PHE A 222 23.42 17.49 -10.05
CA PHE A 222 23.77 17.39 -11.46
C PHE A 222 24.48 18.67 -11.88
N ASN A 223 25.34 18.55 -12.89
CA ASN A 223 26.01 19.73 -13.40
C ASN A 223 25.10 20.46 -14.38
N ILE A 224 23.86 20.72 -13.96
CA ILE A 224 22.86 21.43 -14.74
C ILE A 224 22.08 22.32 -13.76
N LYS A 225 22.26 23.64 -13.88
CA LYS A 225 21.43 24.65 -13.21
C LYS A 225 20.98 24.28 -11.79
N PRO A 237 -5.98 39.58 -3.74
CA PRO A 237 -6.45 40.90 -4.18
C PRO A 237 -7.55 40.79 -5.23
N VAL A 238 -8.78 40.51 -4.78
CA VAL A 238 -9.89 40.26 -5.67
C VAL A 238 -11.07 41.14 -5.27
N ASP A 239 -12.03 41.25 -6.19
CA ASP A 239 -13.24 42.04 -5.95
C ASP A 239 -14.19 41.21 -5.09
N GLU A 240 -14.39 41.62 -3.85
CA GLU A 240 -15.08 40.78 -2.89
C GLU A 240 -16.60 40.87 -2.99
N ASP A 241 -17.14 41.87 -3.68
CA ASP A 241 -18.57 41.87 -3.93
C ASP A 241 -18.94 40.78 -4.92
N LEU A 242 -18.15 40.64 -6.00
CA LEU A 242 -18.44 39.71 -7.08
C LEU A 242 -18.11 38.27 -6.72
N TYR A 243 -16.98 38.04 -6.06
CA TYR A 243 -16.62 36.71 -5.61
C TYR A 243 -16.64 36.68 -4.08
N PRO A 244 -17.84 36.62 -3.47
CA PRO A 244 -17.90 36.74 -2.00
C PRO A 244 -17.19 35.60 -1.27
N GLU A 245 -17.55 34.34 -1.55
CA GLU A 245 -16.95 33.19 -0.87
C GLU A 245 -15.45 33.02 -1.10
N HIS A 246 -14.79 33.94 -1.82
CA HIS A 246 -13.36 33.75 -2.07
C HIS A 246 -12.53 33.86 -0.79
N TYR A 247 -13.04 34.55 0.24
CA TYR A 247 -12.26 34.70 1.47
C TYR A 247 -12.05 33.36 2.15
N ARG A 248 -12.93 32.39 1.90
CA ARG A 248 -12.79 31.07 2.49
C ARG A 248 -11.66 30.29 1.93
N LYS A 249 -10.78 30.87 1.11
CA LYS A 249 -9.60 30.16 0.60
C LYS A 249 -8.31 30.63 1.28
N TYR A 250 -8.41 31.16 2.50
CA TYR A 250 -7.23 31.70 3.19
C TYR A 250 -6.16 30.65 3.48
N SER A 251 -6.51 29.35 3.42
CA SER A 251 -5.60 28.30 3.84
C SER A 251 -4.35 28.22 2.95
N ASP A 252 -4.49 28.54 1.67
CA ASP A 252 -3.39 28.47 0.70
C ASP A 252 -2.85 27.05 0.53
N TYR A 253 -3.60 26.04 0.97
CA TYR A 253 -3.26 24.63 0.76
C TYR A 253 -4.07 24.10 -0.41
N ILE A 254 -3.38 23.56 -1.41
CA ILE A 254 -4.00 23.15 -2.66
C ILE A 254 -4.16 21.63 -2.65
N LYS A 255 -5.42 21.17 -2.58
CA LYS A 255 -5.71 19.74 -2.59
C LYS A 255 -5.33 19.12 -3.93
N GLY A 256 -4.79 17.91 -3.91
CA GLY A 256 -4.45 17.21 -5.13
C GLY A 256 -3.21 17.71 -5.85
N SER A 257 -2.35 18.50 -5.20
CA SER A 257 -1.20 19.15 -5.82
C SER A 257 0.09 18.38 -5.57
N ASN A 258 1.02 18.48 -6.52
CA ASN A 258 2.26 17.71 -6.50
C ASN A 258 3.50 18.57 -6.26
N LEU A 259 3.33 19.69 -5.54
CA LEU A 259 4.46 20.53 -5.18
C LEU A 259 5.30 19.95 -4.04
N ASP A 260 4.72 19.08 -3.22
CA ASP A 260 5.39 18.54 -2.04
C ASP A 260 5.87 17.11 -2.21
N ALA A 261 5.62 16.47 -3.35
CA ALA A 261 6.12 15.10 -3.54
C ALA A 261 7.65 15.13 -3.70
N PRO A 262 8.35 14.18 -3.07
CA PRO A 262 9.82 14.18 -3.15
C PRO A 262 10.32 13.76 -4.53
N GLU A 263 11.59 14.09 -4.76
CA GLU A 263 12.26 13.63 -5.97
C GLU A 263 12.46 12.11 -5.93
N PRO A 264 12.37 11.44 -7.06
CA PRO A 264 12.73 10.02 -7.12
C PRO A 264 14.23 9.85 -6.93
N TYR A 265 14.62 8.59 -6.79
CA TYR A 265 16.00 8.22 -6.54
C TYR A 265 16.96 8.80 -7.57
N ARG A 266 18.14 9.19 -7.11
CA ARG A 266 19.28 9.27 -8.02
C ARG A 266 19.69 7.87 -8.44
N ILE A 267 20.18 7.76 -9.68
CA ILE A 267 20.59 6.47 -10.23
C ILE A 267 22.02 6.58 -10.73
N GLY A 268 22.87 5.66 -10.31
CA GLY A 268 24.25 5.64 -10.73
C GLY A 268 24.70 4.22 -11.04
N ARG A 269 25.81 4.13 -11.78
CA ARG A 269 26.47 2.87 -12.07
C ARG A 269 27.76 2.79 -11.26
N ILE A 270 27.91 1.71 -10.49
CA ILE A 270 29.08 1.56 -9.63
C ILE A 270 30.35 1.50 -10.47
N LYS A 271 31.20 2.51 -10.34
CA LYS A 271 32.47 2.49 -11.05
C LYS A 271 33.58 1.91 -10.18
N GLU A 272 33.57 2.23 -8.89
CA GLU A 272 34.53 1.70 -7.94
C GLU A 272 33.84 1.41 -6.62
N ILE A 273 34.35 0.40 -5.91
CA ILE A 273 34.02 0.12 -4.52
C ILE A 273 35.34 0.13 -3.79
N PHE A 274 35.52 1.06 -2.86
CA PHE A 274 36.83 1.21 -2.24
C PHE A 274 36.72 1.61 -0.78
N CYS A 275 37.70 1.16 0.01
CA CYS A 275 37.90 1.44 1.42
C CYS A 275 39.16 2.25 1.62
N PRO A 276 39.12 3.27 2.48
CA PRO A 276 40.36 3.99 2.81
C PRO A 276 41.32 3.09 3.57
N LYS A 277 42.60 3.15 3.18
CA LYS A 277 43.62 2.36 3.84
C LYS A 277 44.22 3.18 4.99
N LYS A 278 44.34 2.53 6.16
CA LYS A 278 45.04 3.14 7.28
C LYS A 278 46.51 3.38 6.92
N SER A 279 47.19 4.17 7.75
CA SER A 279 48.58 4.50 7.48
C SER A 279 49.45 3.26 7.35
N ASN A 280 49.11 2.19 8.07
CA ASN A 280 49.82 0.93 7.95
C ASN A 280 49.39 0.10 6.74
N GLY A 281 48.44 0.59 5.94
CA GLY A 281 48.08 -0.03 4.68
C GLY A 281 46.87 -0.94 4.73
N ARG A 282 46.48 -1.38 5.92
CA ARG A 282 45.29 -2.22 6.02
C ARG A 282 44.04 -1.40 5.71
N PRO A 283 43.04 -1.98 5.04
CA PRO A 283 41.87 -1.19 4.66
C PRO A 283 40.86 -1.07 5.78
N ASN A 284 40.38 0.17 5.98
CA ASN A 284 39.28 0.47 6.88
C ASN A 284 37.96 -0.04 6.30
N GLU A 285 37.62 -1.31 6.53
CA GLU A 285 36.41 -1.91 5.98
C GLU A 285 35.14 -1.53 6.75
N THR A 286 35.25 -0.58 7.67
CA THR A 286 34.12 0.05 8.34
C THR A 286 33.54 1.19 7.53
N ASP A 287 34.23 1.64 6.48
CA ASP A 287 33.92 2.89 5.80
C ASP A 287 33.95 2.68 4.28
N ILE A 288 33.08 1.82 3.78
CA ILE A 288 33.04 1.46 2.37
C ILE A 288 32.44 2.60 1.56
N LYS A 289 33.16 3.04 0.53
CA LYS A 289 32.68 4.08 -0.36
C LYS A 289 32.51 3.51 -1.77
N ILE A 290 31.71 4.19 -2.58
CA ILE A 290 31.56 3.82 -3.99
C ILE A 290 31.66 5.08 -4.84
N ARG A 291 32.28 4.94 -6.00
CA ARG A 291 32.30 5.97 -7.03
C ARG A 291 31.37 5.54 -8.17
N VAL A 292 30.46 6.43 -8.57
CA VAL A 292 29.45 6.09 -9.58
C VAL A 292 29.49 7.10 -10.73
N ASN A 293 29.01 6.65 -11.88
CA ASN A 293 28.61 7.53 -12.98
C ASN A 293 27.17 7.98 -12.75
N LYS A 294 26.91 9.27 -12.94
CA LYS A 294 25.57 9.83 -12.78
C LYS A 294 24.72 9.53 -14.01
N PHE A 295 23.50 9.06 -13.78
CA PHE A 295 22.50 8.95 -14.84
C PHE A 295 21.53 10.12 -14.75
N TYR A 296 21.10 10.59 -15.92
CA TYR A 296 20.14 11.68 -16.03
C TYR A 296 18.76 11.12 -16.33
N ARG A 297 17.79 11.44 -15.49
CA ARG A 297 16.41 11.38 -15.93
C ARG A 297 16.18 12.53 -16.90
N PRO A 298 15.19 12.40 -17.79
CA PRO A 298 14.89 13.53 -18.69
C PRO A 298 14.66 14.84 -17.95
N GLU A 299 13.90 14.80 -16.86
CA GLU A 299 13.60 16.02 -16.11
C GLU A 299 14.81 16.61 -15.40
N ASN A 300 15.93 15.89 -15.35
CA ASN A 300 17.18 16.43 -14.80
C ASN A 300 18.02 17.17 -15.84
N THR A 301 17.83 16.88 -17.13
CA THR A 301 18.52 17.63 -18.17
C THR A 301 17.98 19.06 -18.21
N HIS A 302 18.55 19.86 -19.11
CA HIS A 302 18.14 21.25 -19.24
C HIS A 302 16.67 21.38 -19.65
N LYS A 303 16.11 20.35 -20.29
CA LYS A 303 14.72 20.40 -20.73
C LYS A 303 13.74 20.31 -19.57
N SER A 304 14.21 19.95 -18.38
CA SER A 304 13.47 20.06 -17.11
C SER A 304 12.17 19.24 -17.19
N THR A 305 11.17 19.65 -16.41
CA THR A 305 9.99 18.81 -16.18
C THR A 305 9.24 18.38 -17.44
N PRO A 306 9.02 19.23 -18.46
CA PRO A 306 8.26 18.76 -19.62
C PRO A 306 8.88 17.58 -20.34
N ALA A 307 10.19 17.37 -20.21
CA ALA A 307 10.84 16.23 -20.85
C ALA A 307 10.24 14.90 -20.38
N SER A 308 9.67 14.87 -19.18
CA SER A 308 9.11 13.64 -18.66
C SER A 308 7.73 13.31 -19.23
N TYR A 309 7.04 14.27 -19.84
CA TYR A 309 5.65 14.04 -20.24
C TYR A 309 5.54 12.84 -21.17
N HIS A 310 6.38 12.78 -22.22
CA HIS A 310 6.35 11.69 -23.19
C HIS A 310 7.28 10.53 -22.87
N ALA A 311 8.32 10.74 -22.06
CA ALA A 311 9.34 9.72 -21.87
C ALA A 311 8.83 8.54 -21.06
N ASP A 312 9.33 7.36 -21.40
CA ASP A 312 9.16 6.18 -20.55
C ASP A 312 9.63 6.51 -19.15
N ILE A 313 8.94 5.94 -18.14
CA ILE A 313 9.28 6.29 -16.77
C ILE A 313 10.61 5.70 -16.36
N ASN A 314 11.16 4.75 -17.12
CA ASN A 314 12.44 4.14 -16.79
C ASN A 314 13.52 4.49 -17.81
N LEU A 315 13.29 5.51 -18.63
CA LEU A 315 14.32 5.98 -19.55
C LEU A 315 15.32 6.83 -18.79
N LEU A 316 16.60 6.61 -19.07
CA LEU A 316 17.67 7.41 -18.51
C LEU A 316 18.59 7.86 -19.63
N TYR A 317 19.48 8.80 -19.30
CA TYR A 317 20.57 9.21 -20.17
C TYR A 317 21.88 8.95 -19.45
N TRP A 318 22.81 8.28 -20.12
CA TRP A 318 24.16 8.13 -19.59
C TRP A 318 24.82 9.50 -19.47
N SER A 319 25.75 9.60 -18.53
CA SER A 319 26.58 10.81 -18.42
C SER A 319 27.98 10.41 -17.97
N ASP A 320 28.94 11.29 -18.27
CA ASP A 320 30.30 11.10 -17.81
C ASP A 320 30.55 11.72 -16.45
N GLU A 321 29.55 12.34 -15.83
CA GLU A 321 29.75 12.94 -14.52
C GLU A 321 29.85 11.86 -13.45
N GLU A 322 30.77 12.07 -12.51
CA GLU A 322 31.06 11.08 -11.48
C GLU A 322 30.83 11.67 -10.10
N ALA A 323 30.53 10.80 -9.14
CA ALA A 323 30.33 11.20 -7.76
C ALA A 323 30.82 10.11 -6.82
N VAL A 324 31.29 10.52 -5.65
CA VAL A 324 31.64 9.59 -4.58
C VAL A 324 30.57 9.70 -3.49
N VAL A 325 30.07 8.56 -3.03
CA VAL A 325 29.12 8.53 -1.93
C VAL A 325 29.48 7.38 -1.00
N ASP A 326 28.92 7.42 0.20
CA ASP A 326 29.11 6.30 1.12
C ASP A 326 28.24 5.13 0.69
N PHE A 327 28.81 3.92 0.74
CA PHE A 327 28.05 2.71 0.46
C PHE A 327 26.79 2.62 1.31
N LYS A 328 26.86 3.10 2.56
CA LYS A 328 25.70 3.09 3.44
C LYS A 328 24.51 3.85 2.86
N ALA A 329 24.74 4.80 1.96
CA ALA A 329 23.66 5.60 1.37
C ALA A 329 22.88 4.88 0.28
N VAL A 330 23.36 3.72 -0.17
CA VAL A 330 22.68 3.00 -1.24
C VAL A 330 21.31 2.54 -0.75
N GLN A 331 20.26 2.87 -1.50
CA GLN A 331 18.91 2.46 -1.18
C GLN A 331 18.51 1.15 -1.84
N GLY A 332 19.26 0.67 -2.82
CA GLY A 332 18.94 -0.59 -3.46
C GLY A 332 19.68 -0.72 -4.77
N ARG A 333 19.56 -1.91 -5.35
CA ARG A 333 20.21 -2.19 -6.62
C ARG A 333 19.18 -2.13 -7.74
N CYS A 334 19.65 -1.77 -8.94
CA CYS A 334 18.79 -1.74 -10.10
C CYS A 334 19.61 -2.12 -11.31
N THR A 335 18.91 -2.42 -12.40
CA THR A 335 19.53 -2.77 -13.67
C THR A 335 19.41 -1.59 -14.61
N VAL A 336 20.54 -1.11 -15.13
CA VAL A 336 20.56 -0.04 -16.12
C VAL A 336 21.33 -0.55 -17.33
N GLU A 337 20.62 -0.83 -18.43
CA GLU A 337 21.21 -1.42 -19.61
C GLU A 337 21.23 -0.41 -20.75
N TYR A 338 22.24 -0.51 -21.59
CA TYR A 338 22.19 0.15 -22.89
C TYR A 338 21.15 -0.54 -23.74
N GLY A 339 20.20 0.23 -24.27
CA GLY A 339 19.02 -0.36 -24.89
C GLY A 339 19.33 -1.14 -26.15
N GLU A 340 20.22 -0.61 -26.99
CA GLU A 340 20.47 -1.21 -28.30
C GLU A 340 21.03 -2.63 -28.18
N ASP A 341 21.86 -2.89 -27.17
CA ASP A 341 22.47 -4.20 -27.01
C ASP A 341 21.54 -5.23 -26.38
N LEU A 342 20.32 -4.87 -26.05
CA LEU A 342 19.49 -5.79 -25.31
C LEU A 342 18.91 -6.86 -26.25
N PRO A 343 19.00 -8.15 -25.90
CA PRO A 343 18.13 -9.13 -26.53
C PRO A 343 16.74 -9.00 -25.95
N GLU A 344 15.73 -9.22 -26.79
CA GLU A 344 14.35 -8.82 -26.51
C GLU A 344 14.24 -7.30 -26.52
N CYS A 345 13.05 -6.78 -26.82
CA CYS A 345 12.88 -5.35 -26.99
C CYS A 345 12.78 -4.63 -25.64
N VAL A 346 12.86 -3.30 -25.72
CA VAL A 346 12.80 -2.47 -24.51
C VAL A 346 11.53 -2.76 -23.71
N GLN A 347 10.39 -2.91 -24.38
CA GLN A 347 9.15 -3.15 -23.66
C GLN A 347 9.17 -4.51 -22.97
N VAL A 348 9.66 -5.55 -23.65
CA VAL A 348 9.70 -6.87 -23.03
C VAL A 348 10.74 -6.90 -21.91
N TYR A 349 11.85 -6.18 -22.08
CA TYR A 349 12.81 -6.01 -20.99
C TYR A 349 12.19 -5.27 -19.81
N SER A 350 11.47 -4.17 -20.07
CA SER A 350 10.92 -3.36 -18.98
C SER A 350 9.78 -4.05 -18.25
N MET A 351 9.11 -5.00 -18.90
CA MET A 351 8.02 -5.71 -18.25
C MET A 351 8.47 -6.99 -17.55
N GLY A 352 9.68 -7.45 -17.81
CA GLY A 352 10.09 -8.75 -17.32
C GLY A 352 10.83 -8.73 -16.00
N GLY A 353 10.74 -7.64 -15.24
CA GLY A 353 11.48 -7.57 -14.01
C GLY A 353 11.42 -6.23 -13.32
N PRO A 354 11.69 -6.23 -12.02
CA PRO A 354 11.69 -4.99 -11.25
C PRO A 354 13.00 -4.22 -11.39
N ASN A 355 12.89 -2.91 -11.18
CA ASN A 355 14.06 -2.03 -11.06
C ASN A 355 14.88 -1.99 -12.33
N ARG A 356 14.20 -1.95 -13.48
CA ARG A 356 14.88 -2.03 -14.76
C ARG A 356 14.78 -0.70 -15.49
N PHE A 357 15.95 -0.19 -15.88
CA PHE A 357 16.09 1.07 -16.57
C PHE A 357 16.95 0.84 -17.81
N TYR A 358 16.84 1.77 -18.75
CA TYR A 358 17.64 1.69 -19.96
C TYR A 358 18.02 3.10 -20.39
N PHE A 359 18.98 3.17 -21.31
CA PHE A 359 19.37 4.41 -21.93
C PHE A 359 19.72 4.12 -23.38
N LEU A 360 19.55 5.14 -24.23
CA LEU A 360 19.93 5.06 -25.63
C LEU A 360 20.93 6.11 -26.04
N GLU A 361 21.00 7.23 -25.33
CA GLU A 361 21.93 8.30 -25.60
C GLU A 361 22.61 8.71 -24.30
N ALA A 362 23.62 9.56 -24.43
CA ALA A 362 24.26 10.23 -23.30
C ALA A 362 23.83 11.68 -23.29
N TYR A 363 24.07 12.35 -22.17
CA TYR A 363 23.72 13.77 -22.01
C TYR A 363 24.96 14.56 -21.66
N ASN A 364 25.35 15.46 -22.54
CA ASN A 364 26.47 16.37 -22.31
C ASN A 364 25.92 17.65 -21.69
N ALA A 365 26.16 17.82 -20.38
CA ALA A 365 25.57 18.94 -19.65
C ALA A 365 26.17 20.27 -20.08
N LYS A 366 27.49 20.32 -20.24
CA LYS A 366 28.14 21.58 -20.61
C LYS A 366 27.68 22.06 -21.98
N SER A 367 27.45 21.14 -22.91
CA SER A 367 26.98 21.48 -24.24
C SER A 367 25.46 21.41 -24.38
N LYS A 368 24.76 20.88 -23.37
CA LYS A 368 23.31 20.73 -23.41
C LYS A 368 22.87 20.04 -24.71
N SER A 369 23.41 18.84 -24.91
CA SER A 369 23.22 18.11 -26.16
C SER A 369 23.26 16.61 -25.86
N PHE A 370 22.78 15.82 -26.81
CA PHE A 370 22.65 14.38 -26.64
C PHE A 370 23.50 13.67 -27.68
N GLU A 371 24.64 13.15 -27.24
CA GLU A 371 25.53 12.39 -28.11
C GLU A 371 25.20 10.90 -28.00
N ASP A 372 25.87 10.09 -28.81
CA ASP A 372 25.81 8.65 -28.61
C ASP A 372 26.61 8.30 -27.36
N PRO A 373 26.25 7.22 -26.67
CA PRO A 373 26.97 6.84 -25.45
C PRO A 373 28.34 6.26 -25.78
N PRO A 374 29.36 6.58 -24.98
CA PRO A 374 30.71 6.04 -25.26
C PRO A 374 30.74 4.51 -25.15
N ASN A 375 31.74 3.93 -25.82
CA ASN A 375 31.81 2.47 -25.94
C ASN A 375 31.83 1.78 -24.57
N HIS A 376 32.49 2.39 -23.59
CA HIS A 376 32.60 1.74 -22.28
C HIS A 376 31.31 1.80 -21.48
N ALA A 377 30.24 2.39 -22.01
CA ALA A 377 28.95 2.28 -21.38
C ALA A 377 28.22 1.01 -21.76
N ARG A 378 28.79 0.20 -22.66
CA ARG A 378 28.15 -1.02 -23.13
C ARG A 378 28.54 -2.21 -22.25
N LYS A 409 7.47 -21.03 -15.97
CA LYS A 409 7.22 -22.44 -15.69
C LYS A 409 6.73 -22.63 -14.26
N LEU A 410 5.87 -21.72 -13.82
CA LEU A 410 5.21 -21.80 -12.50
C LEU A 410 3.71 -21.77 -12.70
N PRO A 411 2.99 -22.86 -12.42
CA PRO A 411 1.55 -22.89 -12.71
C PRO A 411 0.78 -21.94 -11.79
N LYS A 412 -0.26 -21.34 -12.35
CA LYS A 412 -1.02 -20.29 -11.67
C LYS A 412 -1.95 -20.89 -10.62
N LEU A 413 -2.24 -20.10 -9.60
CA LEU A 413 -3.19 -20.51 -8.59
C LEU A 413 -4.60 -20.41 -9.14
N ARG A 414 -5.41 -21.46 -8.93
CA ARG A 414 -6.84 -21.38 -9.16
C ARG A 414 -7.46 -20.45 -8.11
N THR A 415 -8.07 -19.35 -8.56
CA THR A 415 -8.48 -18.28 -7.65
C THR A 415 -10.00 -18.13 -7.61
N LEU A 416 -10.53 -17.92 -6.41
CA LEU A 416 -11.93 -17.56 -6.18
C LEU A 416 -11.98 -16.10 -5.74
N ASP A 417 -12.72 -15.29 -6.49
CA ASP A 417 -12.86 -13.86 -6.19
C ASP A 417 -14.27 -13.59 -5.69
N VAL A 418 -14.40 -13.29 -4.39
CA VAL A 418 -15.68 -13.02 -3.75
C VAL A 418 -15.87 -11.50 -3.68
N PHE A 419 -17.10 -11.05 -3.98
CA PHE A 419 -17.41 -9.64 -4.23
C PHE A 419 -16.52 -9.13 -5.37
N SER A 420 -16.58 -9.82 -6.50
CA SER A 420 -15.58 -9.61 -7.55
C SER A 420 -15.71 -8.27 -8.26
N GLY A 421 -16.88 -7.63 -8.24
CA GLY A 421 -17.04 -6.42 -9.04
C GLY A 421 -16.76 -6.72 -10.51
N CYS A 422 -16.34 -5.69 -11.24
CA CYS A 422 -15.95 -5.90 -12.64
C CYS A 422 -14.61 -6.59 -12.78
N GLY A 423 -13.79 -6.66 -11.73
CA GLY A 423 -12.61 -7.51 -11.71
C GLY A 423 -11.26 -6.83 -11.55
N GLY A 424 -11.23 -5.68 -10.90
CA GLY A 424 -9.97 -4.93 -10.80
C GLY A 424 -8.89 -5.71 -10.08
N LEU A 425 -9.21 -6.26 -8.91
CA LEU A 425 -8.28 -7.11 -8.18
C LEU A 425 -7.83 -8.29 -9.03
N SER A 426 -8.79 -9.01 -9.65
CA SER A 426 -8.45 -10.16 -10.48
C SER A 426 -7.60 -9.77 -11.66
N GLU A 427 -7.91 -8.64 -12.31
CA GLU A 427 -7.08 -8.16 -13.41
C GLU A 427 -5.65 -7.91 -12.94
N GLY A 428 -5.48 -7.26 -11.79
CA GLY A 428 -4.15 -7.04 -11.26
C GLY A 428 -3.40 -8.34 -11.00
N PHE A 429 -4.07 -9.29 -10.34
CA PHE A 429 -3.45 -10.58 -10.06
C PHE A 429 -3.08 -11.30 -11.36
N HIS A 430 -3.92 -11.21 -12.37
CA HIS A 430 -3.59 -11.87 -13.62
C HIS A 430 -2.35 -11.23 -14.26
N GLN A 431 -2.27 -9.90 -14.24
CA GLN A 431 -1.09 -9.20 -14.76
C GLN A 431 0.18 -9.63 -14.03
N ALA A 432 0.11 -9.84 -12.71
CA ALA A 432 1.26 -10.35 -11.99
C ALA A 432 1.61 -11.78 -12.40
N GLY A 433 0.76 -12.44 -13.18
CA GLY A 433 1.08 -13.78 -13.63
C GLY A 433 0.91 -14.89 -12.62
N ILE A 434 0.21 -14.63 -11.51
CA ILE A 434 0.07 -15.64 -10.46
C ILE A 434 -1.26 -16.40 -10.49
N SER A 435 -2.29 -15.89 -11.16
CA SER A 435 -3.59 -16.50 -10.90
C SER A 435 -4.47 -16.54 -12.14
N ASP A 436 -5.31 -17.57 -12.18
CA ASP A 436 -6.46 -17.66 -13.07
C ASP A 436 -7.68 -17.58 -12.17
N THR A 437 -8.48 -16.53 -12.32
CA THR A 437 -9.71 -16.42 -11.54
C THR A 437 -10.73 -17.33 -12.21
N LEU A 438 -10.82 -18.57 -11.70
CA LEU A 438 -11.75 -19.54 -12.26
C LEU A 438 -13.17 -19.35 -11.74
N TRP A 439 -13.36 -18.66 -10.62
CA TRP A 439 -14.67 -18.49 -10.03
C TRP A 439 -14.77 -17.09 -9.48
N ALA A 440 -15.91 -16.45 -9.69
CA ALA A 440 -16.17 -15.14 -9.15
C ALA A 440 -17.60 -15.14 -8.62
N ILE A 441 -17.81 -14.42 -7.51
CA ILE A 441 -19.12 -14.30 -6.88
C ILE A 441 -19.46 -12.81 -6.81
N GLU A 442 -20.53 -12.42 -7.49
CA GLU A 442 -20.90 -11.02 -7.61
C GLU A 442 -22.41 -10.96 -7.71
N MET A 443 -23.07 -10.42 -6.67
CA MET A 443 -24.53 -10.44 -6.60
C MET A 443 -25.18 -9.40 -7.52
N TRP A 444 -24.49 -8.31 -7.80
CA TRP A 444 -25.01 -7.23 -8.63
C TRP A 444 -24.80 -7.55 -10.11
N ASP A 445 -25.88 -7.64 -10.86
CA ASP A 445 -25.80 -8.22 -12.20
C ASP A 445 -24.94 -7.44 -13.19
N PRO A 446 -25.03 -6.10 -13.30
CA PRO A 446 -24.14 -5.39 -14.23
C PRO A 446 -22.65 -5.67 -14.01
N ALA A 447 -22.19 -5.63 -12.76
CA ALA A 447 -20.78 -5.88 -12.50
C ALA A 447 -20.41 -7.33 -12.83
N ALA A 448 -21.31 -8.27 -12.55
CA ALA A 448 -21.03 -9.66 -12.87
C ALA A 448 -20.95 -9.87 -14.37
N GLN A 449 -21.72 -9.08 -15.13
CA GLN A 449 -21.63 -9.11 -16.58
C GLN A 449 -20.28 -8.57 -17.05
N ALA A 450 -19.87 -7.44 -16.50
CA ALA A 450 -18.54 -6.89 -16.80
C ALA A 450 -17.45 -7.91 -16.53
N PHE A 451 -17.50 -8.56 -15.37
CA PHE A 451 -16.50 -9.60 -15.09
C PHE A 451 -16.53 -10.70 -16.13
N ARG A 452 -17.72 -11.10 -16.58
CA ARG A 452 -17.81 -12.15 -17.59
C ARG A 452 -17.18 -11.72 -18.91
N LEU A 453 -17.42 -10.47 -19.32
CA LEU A 453 -16.83 -9.98 -20.56
C LEU A 453 -15.32 -10.04 -20.54
N ASN A 454 -14.70 -9.73 -19.39
CA ASN A 454 -13.25 -9.72 -19.33
C ASN A 454 -12.66 -11.09 -19.01
N ASN A 455 -13.48 -12.08 -18.65
CA ASN A 455 -12.99 -13.37 -18.17
C ASN A 455 -13.84 -14.51 -18.72
N PRO A 456 -13.68 -14.84 -20.01
CA PRO A 456 -14.61 -15.80 -20.63
C PRO A 456 -14.53 -17.21 -20.06
N GLY A 457 -13.36 -17.68 -19.64
CA GLY A 457 -13.27 -19.01 -19.10
C GLY A 457 -13.51 -19.08 -17.60
N SER A 458 -14.09 -18.02 -17.06
CA SER A 458 -14.41 -17.96 -15.65
C SER A 458 -15.88 -18.31 -15.41
N THR A 459 -16.15 -18.97 -14.30
CA THR A 459 -17.51 -19.26 -13.85
C THR A 459 -17.93 -18.17 -12.88
N VAL A 460 -18.86 -17.31 -13.31
CA VAL A 460 -19.27 -16.14 -12.56
C VAL A 460 -20.66 -16.40 -11.96
N PHE A 461 -20.73 -16.41 -10.63
CA PHE A 461 -21.96 -16.67 -9.88
C PHE A 461 -22.60 -15.33 -9.54
N THR A 462 -23.81 -15.10 -10.05
CA THR A 462 -24.55 -13.89 -9.69
C THR A 462 -25.44 -14.19 -8.49
N GLU A 463 -24.78 -14.56 -7.41
CA GLU A 463 -25.42 -15.08 -6.21
C GLU A 463 -24.97 -14.31 -4.99
N ASP A 464 -25.86 -14.26 -4.00
CA ASP A 464 -25.45 -13.92 -2.64
C ASP A 464 -24.40 -14.92 -2.17
N CYS A 465 -23.25 -14.41 -1.73
CA CYS A 465 -22.18 -15.30 -1.30
C CYS A 465 -22.57 -16.15 -0.08
N ASN A 466 -23.46 -15.64 0.77
CA ASN A 466 -23.93 -16.46 1.90
C ASN A 466 -24.74 -17.66 1.41
N ILE A 467 -25.61 -17.45 0.41
CA ILE A 467 -26.43 -18.54 -0.13
C ILE A 467 -25.54 -19.60 -0.76
N LEU A 468 -24.54 -19.16 -1.53
CA LEU A 468 -23.72 -20.12 -2.26
C LEU A 468 -22.83 -20.93 -1.32
N LEU A 469 -22.36 -20.32 -0.23
CA LEU A 469 -21.56 -21.08 0.71
C LEU A 469 -22.42 -22.10 1.44
N LYS A 470 -23.64 -21.69 1.81
CA LYS A 470 -24.56 -22.62 2.46
C LYS A 470 -24.87 -23.82 1.57
N LEU A 471 -24.92 -23.62 0.25
CA LEU A 471 -25.18 -24.74 -0.65
C LEU A 471 -23.99 -25.69 -0.72
N VAL A 472 -22.78 -25.14 -0.72
CA VAL A 472 -21.59 -25.98 -0.77
C VAL A 472 -21.47 -26.81 0.50
N MET A 473 -21.72 -26.17 1.64
CA MET A 473 -21.62 -26.89 2.90
C MET A 473 -22.70 -27.95 3.06
N ALA A 474 -23.83 -27.80 2.38
CA ALA A 474 -24.85 -28.84 2.40
C ALA A 474 -24.54 -29.99 1.47
N GLY A 475 -23.51 -29.89 0.66
CA GLY A 475 -23.15 -30.94 -0.26
C GLY A 475 -23.61 -30.73 -1.70
N GLU A 476 -24.01 -29.52 -2.06
CA GLU A 476 -24.53 -29.31 -3.40
C GLU A 476 -23.38 -29.24 -4.40
N THR A 477 -23.69 -29.62 -5.64
CA THR A 477 -22.75 -29.69 -6.74
C THR A 477 -22.91 -28.54 -7.72
N THR A 478 -24.14 -28.11 -7.98
CA THR A 478 -24.41 -26.99 -8.87
C THR A 478 -25.32 -25.99 -8.17
N ASN A 479 -25.23 -24.73 -8.58
CA ASN A 479 -26.20 -23.73 -8.17
C ASN A 479 -27.45 -23.87 -9.03
N SER A 480 -28.40 -22.96 -8.88
CA SER A 480 -29.66 -23.12 -9.58
C SER A 480 -29.56 -22.80 -11.06
N ARG A 481 -28.43 -22.26 -11.52
CA ARG A 481 -28.18 -22.04 -12.94
C ARG A 481 -27.50 -23.22 -13.62
N GLY A 482 -27.12 -24.26 -12.89
CA GLY A 482 -26.39 -25.36 -13.46
C GLY A 482 -24.88 -25.22 -13.38
N GLN A 483 -24.38 -24.17 -12.77
CA GLN A 483 -22.94 -23.91 -12.72
C GLN A 483 -22.30 -24.73 -11.61
N ARG A 484 -21.16 -25.36 -11.92
CA ARG A 484 -20.46 -26.23 -10.98
C ARG A 484 -19.87 -25.41 -9.84
N LEU A 485 -20.25 -25.74 -8.60
CA LEU A 485 -19.72 -25.02 -7.44
C LEU A 485 -18.29 -25.48 -7.14
N PRO A 486 -17.39 -24.56 -6.75
CA PRO A 486 -16.05 -24.98 -6.35
C PRO A 486 -16.08 -25.73 -5.02
N GLN A 487 -15.25 -26.78 -4.92
CA GLN A 487 -15.17 -27.64 -3.76
C GLN A 487 -13.79 -27.56 -3.11
N LYS A 488 -13.67 -28.17 -1.94
CA LYS A 488 -12.39 -28.16 -1.25
C LYS A 488 -11.30 -28.71 -2.16
N GLY A 489 -10.15 -28.04 -2.16
CA GLY A 489 -9.07 -28.40 -3.02
C GLY A 489 -9.11 -27.72 -4.38
N ASP A 490 -10.28 -27.29 -4.84
CA ASP A 490 -10.34 -26.50 -6.05
C ASP A 490 -9.70 -25.13 -5.85
N VAL A 491 -9.97 -24.50 -4.72
CA VAL A 491 -9.64 -23.09 -4.51
C VAL A 491 -8.27 -23.01 -3.85
N GLU A 492 -7.30 -22.42 -4.55
CA GLU A 492 -5.95 -22.29 -4.04
C GLU A 492 -5.60 -20.89 -3.59
N MET A 493 -6.27 -19.87 -4.15
CA MET A 493 -6.19 -18.51 -3.66
C MET A 493 -7.60 -17.95 -3.49
N LEU A 494 -7.80 -17.17 -2.43
CA LEU A 494 -9.09 -16.53 -2.17
C LEU A 494 -8.86 -15.04 -2.02
N CYS A 495 -9.53 -14.24 -2.84
CA CYS A 495 -9.36 -12.79 -2.76
C CYS A 495 -10.72 -12.10 -2.83
N GLY A 496 -10.81 -10.93 -2.20
CA GLY A 496 -12.05 -10.19 -2.23
C GLY A 496 -12.03 -8.82 -1.60
N GLY A 497 -12.88 -7.92 -2.09
CA GLY A 497 -13.11 -6.66 -1.45
C GLY A 497 -14.55 -6.54 -0.97
N PRO A 498 -14.80 -6.93 0.28
CA PRO A 498 -16.15 -6.80 0.85
C PRO A 498 -16.65 -5.37 0.73
N PRO A 499 -17.97 -5.17 0.79
CA PRO A 499 -18.52 -3.81 0.73
C PRO A 499 -17.89 -2.90 1.78
N CYS A 500 -17.70 -1.64 1.41
CA CYS A 500 -17.03 -0.68 2.28
C CYS A 500 -17.96 0.40 2.80
N GLN A 501 -19.25 0.36 2.43
CA GLN A 501 -20.15 1.44 2.82
C GLN A 501 -20.26 1.58 4.33
N GLY A 502 -20.17 0.48 5.07
CA GLY A 502 -20.22 0.57 6.52
C GLY A 502 -18.97 1.15 7.15
N PHE A 503 -17.80 0.91 6.54
CA PHE A 503 -16.55 1.38 7.12
C PHE A 503 -16.13 2.76 6.64
N SER A 504 -16.63 3.21 5.50
CA SER A 504 -16.21 4.52 4.99
C SER A 504 -16.56 5.62 5.99
N GLY A 505 -15.61 6.53 6.20
CA GLY A 505 -15.82 7.66 7.07
C GLY A 505 -16.82 8.67 6.56
N MET A 506 -17.20 8.60 5.28
CA MET A 506 -18.24 9.47 4.74
C MET A 506 -19.63 9.05 5.19
N ASN A 507 -19.80 7.80 5.60
CA ASN A 507 -21.11 7.28 5.96
C ASN A 507 -21.57 7.89 7.28
N ARG A 508 -22.53 8.80 7.22
CA ARG A 508 -23.09 9.46 8.41
C ARG A 508 -24.07 8.59 9.18
N PHE A 509 -24.44 7.42 8.65
CA PHE A 509 -25.55 6.66 9.20
C PHE A 509 -25.15 5.20 9.42
N ASN A 510 -23.88 4.95 9.76
CA ASN A 510 -23.35 3.60 9.75
C ASN A 510 -23.84 2.75 10.92
N SER A 511 -24.70 3.29 11.77
CA SER A 511 -25.24 2.53 12.89
C SER A 511 -26.69 2.09 12.66
N ARG A 512 -27.26 2.39 11.50
CA ARG A 512 -28.69 2.16 11.28
C ARG A 512 -29.05 0.74 10.86
N THR A 513 -28.25 0.10 9.98
CA THR A 513 -28.63 -1.22 9.45
C THR A 513 -27.48 -2.24 9.46
N TYR A 514 -26.48 -2.08 10.34
CA TYR A 514 -25.41 -3.06 10.48
C TYR A 514 -24.60 -2.73 11.74
N SER A 515 -24.71 -3.58 12.76
CA SER A 515 -23.94 -3.41 13.98
C SER A 515 -23.70 -4.76 14.65
N LYS A 516 -23.54 -5.81 13.84
CA LYS A 516 -23.33 -7.16 14.35
C LYS A 516 -22.18 -7.80 13.57
N PHE A 517 -21.05 -8.05 14.25
CA PHE A 517 -19.90 -8.62 13.55
C PHE A 517 -20.16 -10.07 13.13
N LYS A 518 -20.91 -10.83 13.93
CA LYS A 518 -21.19 -12.23 13.60
C LYS A 518 -21.94 -12.40 12.28
N ASN A 519 -22.62 -11.36 11.79
CA ASN A 519 -23.44 -11.46 10.58
C ASN A 519 -22.93 -10.59 9.43
N SER A 520 -21.74 -9.99 9.57
CA SER A 520 -21.25 -9.09 8.54
C SER A 520 -20.71 -9.87 7.34
N LEU A 521 -20.52 -9.17 6.23
CA LEU A 521 -19.96 -9.84 5.07
C LEU A 521 -18.48 -10.15 5.25
N VAL A 522 -17.79 -9.44 6.15
CA VAL A 522 -16.41 -9.82 6.45
C VAL A 522 -16.37 -11.23 7.02
N VAL A 523 -17.29 -11.54 7.94
CA VAL A 523 -17.34 -12.88 8.51
C VAL A 523 -17.75 -13.92 7.47
N SER A 524 -18.65 -13.56 6.56
CA SER A 524 -18.96 -14.47 5.45
C SER A 524 -17.68 -14.83 4.70
N PHE A 525 -16.87 -13.82 4.37
CA PHE A 525 -15.65 -14.02 3.62
C PHE A 525 -14.66 -14.89 4.39
N LEU A 526 -14.53 -14.66 5.70
CA LEU A 526 -13.69 -15.50 6.56
C LEU A 526 -14.18 -16.95 6.60
N SER A 527 -15.50 -17.14 6.48
CA SER A 527 -16.05 -18.50 6.40
C SER A 527 -15.62 -19.19 5.11
N TYR A 528 -15.54 -18.43 4.01
CA TYR A 528 -14.97 -18.99 2.79
C TYR A 528 -13.53 -19.45 3.01
N CYS A 529 -12.72 -18.58 3.62
CA CYS A 529 -11.33 -18.93 3.92
C CYS A 529 -11.27 -20.17 4.81
N ASP A 530 -12.11 -20.22 5.85
CA ASP A 530 -12.10 -21.37 6.73
C ASP A 530 -12.50 -22.65 6.00
N TYR A 531 -13.44 -22.54 5.05
CA TYR A 531 -13.95 -23.74 4.40
C TYR A 531 -12.98 -24.27 3.36
N TYR A 532 -12.46 -23.40 2.49
CA TYR A 532 -11.65 -23.86 1.36
C TYR A 532 -10.18 -23.96 1.69
N ARG A 533 -9.74 -23.38 2.81
CA ARG A 533 -8.35 -23.36 3.25
C ARG A 533 -7.41 -23.10 2.06
N PRO A 534 -7.50 -21.94 1.41
CA PRO A 534 -6.60 -21.65 0.29
C PRO A 534 -5.16 -21.50 0.73
N ARG A 535 -4.26 -21.54 -0.25
CA ARG A 535 -2.85 -21.29 0.05
C ARG A 535 -2.61 -19.82 0.41
N PHE A 536 -3.34 -18.90 -0.23
CA PHE A 536 -3.17 -17.47 0.02
C PHE A 536 -4.54 -16.81 0.11
N PHE A 537 -4.59 -15.73 0.90
CA PHE A 537 -5.84 -15.04 1.19
C PHE A 537 -5.56 -13.54 1.18
N LEU A 538 -6.46 -12.77 0.60
CA LEU A 538 -6.32 -11.32 0.60
C LEU A 538 -7.70 -10.68 0.77
N LEU A 539 -7.80 -9.76 1.73
CA LEU A 539 -8.99 -8.94 1.96
C LEU A 539 -8.60 -7.48 1.82
N GLU A 540 -9.38 -6.73 1.05
CA GLU A 540 -9.15 -5.32 0.78
C GLU A 540 -10.34 -4.50 1.29
N ASN A 541 -10.05 -3.30 1.80
CA ASN A 541 -11.12 -2.38 2.15
C ASN A 541 -10.54 -0.97 2.31
N VAL A 542 -11.42 -0.03 2.64
CA VAL A 542 -10.98 1.33 2.87
C VAL A 542 -10.12 1.39 4.12
N ARG A 543 -9.26 2.42 4.19
CA ARG A 543 -8.33 2.55 5.30
C ARG A 543 -9.04 2.39 6.64
N ASN A 544 -10.20 3.04 6.78
CA ASN A 544 -10.90 3.12 8.06
C ASN A 544 -11.31 1.75 8.59
N PHE A 545 -11.29 0.71 7.75
CA PHE A 545 -11.47 -0.66 8.23
C PHE A 545 -10.56 -0.98 9.41
N VAL A 546 -9.37 -0.36 9.50
CA VAL A 546 -8.47 -0.69 10.59
C VAL A 546 -8.78 0.04 11.89
N SER A 547 -9.55 1.12 11.84
CA SER A 547 -9.88 1.84 13.07
C SER A 547 -11.37 1.83 13.40
N PHE A 548 -12.21 1.27 12.54
CA PHE A 548 -13.64 1.17 12.79
C PHE A 548 -13.92 0.43 14.09
N LYS A 549 -14.78 1.01 14.93
CA LYS A 549 -15.12 0.46 16.25
C LYS A 549 -13.88 0.15 17.07
N ARG A 550 -13.03 1.16 17.26
CA ARG A 550 -11.83 1.04 18.07
C ARG A 550 -10.93 -0.11 17.62
N SER A 551 -10.97 -0.41 16.32
CA SER A 551 -10.17 -1.46 15.67
C SER A 551 -10.64 -2.86 15.99
N MET A 552 -11.88 -3.05 16.44
CA MET A 552 -12.35 -4.40 16.79
C MET A 552 -12.57 -5.27 15.57
N VAL A 553 -13.01 -4.71 14.45
CA VAL A 553 -13.21 -5.53 13.26
C VAL A 553 -11.87 -6.07 12.78
N LEU A 554 -10.83 -5.23 12.82
CA LEU A 554 -9.49 -5.68 12.44
C LEU A 554 -8.97 -6.76 13.39
N LYS A 555 -9.15 -6.55 14.70
CA LYS A 555 -8.65 -7.50 15.68
C LYS A 555 -9.36 -8.85 15.58
N LEU A 556 -10.69 -8.82 15.41
CA LEU A 556 -11.44 -10.06 15.29
C LEU A 556 -11.21 -10.77 13.96
N THR A 557 -10.82 -10.02 12.91
CA THR A 557 -10.46 -10.68 11.65
C THR A 557 -9.13 -11.41 11.79
N LEU A 558 -8.12 -10.74 12.36
CA LEU A 558 -6.84 -11.39 12.59
C LEU A 558 -6.99 -12.54 13.59
N ARG A 559 -7.81 -12.34 14.62
CA ARG A 559 -8.05 -13.42 15.60
C ARG A 559 -8.60 -14.66 14.91
N CYS A 560 -9.49 -14.44 13.96
CA CYS A 560 -10.15 -15.55 13.28
C CYS A 560 -9.18 -16.32 12.39
N LEU A 561 -8.33 -15.60 11.66
CA LEU A 561 -7.33 -16.27 10.84
C LEU A 561 -6.34 -17.04 11.70
N VAL A 562 -5.87 -16.44 12.79
CA VAL A 562 -4.95 -17.12 13.70
C VAL A 562 -5.59 -18.39 14.23
N ARG A 563 -6.88 -18.34 14.55
CA ARG A 563 -7.56 -19.54 15.02
C ARG A 563 -7.60 -20.62 13.95
N MET A 564 -7.69 -20.24 12.68
CA MET A 564 -7.64 -21.23 11.61
C MET A 564 -6.26 -21.87 11.46
N GLY A 565 -5.21 -21.22 11.97
CA GLY A 565 -3.85 -21.64 11.71
C GLY A 565 -3.15 -20.88 10.59
N TYR A 566 -3.71 -19.77 10.12
CA TYR A 566 -3.07 -18.99 9.07
C TYR A 566 -1.98 -18.11 9.65
N GLN A 567 -0.89 -17.97 8.90
CA GLN A 567 -0.05 -16.81 9.05
C GLN A 567 -0.79 -15.62 8.46
N CYS A 568 -0.66 -14.45 9.07
CA CYS A 568 -1.42 -13.31 8.57
C CYS A 568 -0.76 -12.02 8.98
N THR A 569 -1.23 -10.91 8.39
CA THR A 569 -0.70 -9.59 8.69
C THR A 569 -1.63 -8.57 8.04
N PHE A 570 -1.47 -7.31 8.43
CA PHE A 570 -2.21 -6.22 7.82
C PHE A 570 -1.29 -5.04 7.57
N GLY A 571 -1.77 -4.14 6.72
CA GLY A 571 -1.06 -2.91 6.39
C GLY A 571 -2.01 -2.00 5.65
N VAL A 572 -1.59 -0.74 5.52
CA VAL A 572 -2.29 0.24 4.71
C VAL A 572 -1.38 0.64 3.56
N LEU A 573 -1.91 0.65 2.34
CA LEU A 573 -1.18 0.98 1.13
C LEU A 573 -1.78 2.21 0.48
N GLN A 574 -0.93 2.99 -0.21
CA GLN A 574 -1.35 4.16 -0.96
C GLN A 574 -1.24 3.83 -2.44
N ALA A 575 -2.38 3.78 -3.13
CA ALA A 575 -2.40 3.35 -4.53
C ALA A 575 -1.50 4.22 -5.40
N GLY A 576 -1.47 5.54 -5.14
CA GLY A 576 -0.60 6.42 -5.90
C GLY A 576 0.86 6.01 -5.88
N GLN A 577 1.29 5.33 -4.84
CA GLN A 577 2.68 4.84 -4.78
C GLN A 577 2.91 3.65 -5.69
N TYR A 578 1.88 3.12 -6.34
CA TYR A 578 2.09 2.01 -7.27
C TYR A 578 1.66 2.37 -8.68
N GLY A 579 1.42 3.65 -8.95
CA GLY A 579 1.40 4.10 -10.34
C GLY A 579 0.07 4.54 -10.92
N VAL A 580 -0.81 5.09 -10.08
CA VAL A 580 -2.00 5.79 -10.53
C VAL A 580 -1.91 7.22 -9.99
N ALA A 581 -2.50 8.16 -10.73
CA ALA A 581 -2.57 9.54 -10.29
C ALA A 581 -3.77 9.74 -9.36
N GLN A 582 -3.77 8.99 -8.27
CA GLN A 582 -4.91 9.01 -7.35
C GLN A 582 -4.41 8.76 -5.95
N THR A 583 -4.87 9.58 -5.01
CA THR A 583 -4.70 9.24 -3.59
C THR A 583 -5.80 8.25 -3.20
N ARG A 584 -5.39 7.08 -2.71
CA ARG A 584 -6.35 6.03 -2.37
C ARG A 584 -5.66 5.11 -1.38
N ARG A 585 -5.97 5.28 -0.10
CA ARG A 585 -5.41 4.45 0.97
C ARG A 585 -6.34 3.29 1.24
N ARG A 586 -5.82 2.07 1.12
CA ARG A 586 -6.60 0.86 1.31
C ARG A 586 -5.95 -0.02 2.37
N ALA A 587 -6.77 -0.61 3.23
CA ALA A 587 -6.30 -1.62 4.16
C ALA A 587 -6.22 -2.97 3.46
N ILE A 588 -5.18 -3.74 3.77
CA ILE A 588 -4.95 -5.04 3.16
C ILE A 588 -4.64 -6.04 4.27
N ILE A 589 -5.44 -7.08 4.37
CA ILE A 589 -5.12 -8.25 5.19
C ILE A 589 -4.63 -9.34 4.26
N LEU A 590 -3.40 -9.80 4.49
CA LEU A 590 -2.82 -10.95 3.79
C LEU A 590 -2.78 -12.14 4.72
N ALA A 591 -2.99 -13.34 4.17
CA ALA A 591 -2.84 -14.55 4.94
C ALA A 591 -2.19 -15.62 4.08
N ALA A 592 -1.52 -16.58 4.72
CA ALA A 592 -0.81 -17.63 4.00
C ALA A 592 -0.94 -18.93 4.78
N ALA A 593 -1.22 -20.02 4.06
CA ALA A 593 -1.37 -21.33 4.67
C ALA A 593 -0.11 -21.71 5.45
N PRO A 594 -0.22 -22.68 6.38
CA PRO A 594 0.94 -23.08 7.18
C PRO A 594 2.16 -23.50 6.38
N GLY A 595 2.00 -24.20 5.25
CA GLY A 595 3.21 -24.58 4.55
C GLY A 595 3.86 -23.50 3.70
N GLU A 596 3.32 -22.29 3.69
CA GLU A 596 3.73 -21.24 2.76
C GLU A 596 4.60 -20.20 3.44
N LYS A 597 5.14 -19.31 2.63
CA LYS A 597 5.76 -18.09 3.12
C LYS A 597 4.72 -16.98 3.10
N LEU A 598 4.67 -16.20 4.18
CA LEU A 598 3.74 -15.08 4.25
C LEU A 598 4.28 -13.92 3.44
N PRO A 599 3.52 -13.39 2.48
CA PRO A 599 4.06 -12.33 1.63
C PRO A 599 4.39 -11.07 2.41
N LEU A 600 5.33 -10.30 1.89
CA LEU A 600 5.58 -8.94 2.35
C LEU A 600 4.73 -7.96 1.54
N PHE A 601 4.50 -6.80 2.12
CA PHE A 601 3.84 -5.75 1.38
C PHE A 601 4.82 -5.15 0.37
N PRO A 602 4.35 -4.75 -0.80
CA PRO A 602 5.26 -4.29 -1.86
C PRO A 602 5.81 -2.91 -1.57
N GLU A 603 7.11 -2.75 -1.83
CA GLU A 603 7.74 -1.44 -1.69
C GLU A 603 7.12 -0.46 -2.70
N PRO A 604 6.93 0.80 -2.29
CA PRO A 604 6.48 1.82 -3.25
C PRO A 604 7.35 1.87 -4.49
N LEU A 605 6.69 2.08 -5.64
CA LEU A 605 7.35 2.26 -6.92
C LEU A 605 7.47 3.72 -7.35
N HIS A 606 6.50 4.56 -6.97
CA HIS A 606 6.45 5.95 -7.38
C HIS A 606 6.47 6.86 -6.17
N VAL A 607 7.19 7.99 -6.29
CA VAL A 607 7.09 9.02 -5.27
C VAL A 607 5.68 9.57 -5.27
N PHE A 608 5.22 10.03 -4.10
CA PHE A 608 3.86 10.53 -3.99
C PHE A 608 3.83 11.55 -2.86
N ALA A 609 2.81 12.41 -2.89
CA ALA A 609 2.69 13.48 -1.90
C ALA A 609 2.73 12.92 -0.47
N PRO A 610 3.61 13.44 0.38
CA PRO A 610 3.76 12.87 1.74
C PRO A 610 2.50 12.93 2.60
N ARG A 611 1.69 13.98 2.49
CA ARG A 611 0.45 14.03 3.26
C ARG A 611 -0.42 12.80 2.97
N ALA A 612 -0.50 12.39 1.71
CA ALA A 612 -1.33 11.24 1.34
C ALA A 612 -0.75 9.89 1.74
N CYS A 613 0.49 9.85 2.27
CA CYS A 613 1.18 8.59 2.55
C CYS A 613 1.32 8.31 4.05
N GLN A 614 0.33 8.70 4.85
CA GLN A 614 0.31 8.33 6.27
C GLN A 614 -0.30 6.94 6.38
N LEU A 615 0.56 5.94 6.58
CA LEU A 615 0.16 4.55 6.51
C LEU A 615 0.20 3.83 7.85
N SER A 616 0.50 4.55 8.94
CA SER A 616 0.58 3.90 10.24
C SER A 616 -0.81 3.61 10.78
N VAL A 617 -0.89 2.58 11.62
CA VAL A 617 -2.14 2.19 12.24
C VAL A 617 -1.92 2.04 13.74
N VAL A 618 -2.77 2.65 14.54
CA VAL A 618 -2.70 2.54 15.99
C VAL A 618 -3.80 1.60 16.45
N VAL A 619 -3.41 0.56 17.19
CA VAL A 619 -4.34 -0.39 17.75
C VAL A 619 -4.05 -0.50 19.23
N ASP A 620 -4.97 0.00 20.05
CA ASP A 620 -4.81 -0.02 21.50
C ASP A 620 -3.47 0.57 21.90
N ASP A 621 -3.26 1.83 21.50
CA ASP A 621 -2.07 2.61 21.85
C ASP A 621 -0.79 2.13 21.17
N LYS A 622 -0.80 0.94 20.58
CA LYS A 622 0.39 0.43 19.88
C LYS A 622 0.35 0.86 18.43
N LYS A 623 1.39 1.58 17.99
CA LYS A 623 1.50 1.99 16.60
C LYS A 623 2.09 0.87 15.77
N PHE A 624 1.49 0.62 14.61
CA PHE A 624 1.91 -0.46 13.72
C PHE A 624 2.22 0.09 12.34
N VAL A 625 3.29 -0.45 11.74
CA VAL A 625 3.73 -0.12 10.39
C VAL A 625 3.88 -1.42 9.62
N SER A 626 3.89 -1.31 8.30
CA SER A 626 4.21 -2.47 7.46
C SER A 626 5.72 -2.59 7.29
N ASN A 627 6.13 -3.63 6.56
CA ASN A 627 7.55 -3.88 6.25
C ASN A 627 8.17 -2.82 5.35
N ILE A 628 7.39 -1.88 4.84
CA ILE A 628 7.86 -0.98 3.78
C ILE A 628 8.96 -0.08 4.30
N THR A 629 10.10 -0.06 3.60
CA THR A 629 11.23 0.80 3.98
C THR A 629 11.39 2.03 3.11
N ARG A 630 10.85 2.05 1.90
CA ARG A 630 10.95 3.24 1.06
C ARG A 630 10.03 4.33 1.58
N LEU A 631 10.52 5.16 2.48
CA LEU A 631 9.67 6.16 3.12
C LEU A 631 9.83 7.56 2.53
N SER A 632 10.98 7.88 1.96
CA SER A 632 11.21 9.24 1.52
C SER A 632 11.44 9.37 0.02
N SER A 633 11.53 8.28 -0.73
CA SER A 633 11.79 8.38 -2.15
C SER A 633 11.40 7.06 -2.82
N GLY A 634 11.76 6.92 -4.09
CA GLY A 634 11.36 5.77 -4.87
C GLY A 634 11.96 5.81 -6.26
N PRO A 635 11.89 4.69 -6.97
CA PRO A 635 12.55 4.63 -8.30
C PRO A 635 11.87 5.45 -9.39
N PHE A 636 10.56 5.71 -9.31
CA PHE A 636 9.85 6.33 -10.42
C PHE A 636 9.15 7.62 -10.02
N ARG A 637 9.06 8.54 -10.97
CA ARG A 637 8.36 9.80 -10.78
C ARG A 637 6.87 9.55 -10.53
N THR A 638 6.20 10.57 -9.98
CA THR A 638 4.79 10.45 -9.67
C THR A 638 3.96 10.57 -10.94
N ILE A 639 2.86 9.82 -11.01
CA ILE A 639 1.94 9.87 -12.14
C ILE A 639 0.94 10.98 -11.90
N THR A 640 0.70 11.81 -12.92
CA THR A 640 -0.11 13.02 -12.81
C THR A 640 -1.41 12.86 -13.58
N VAL A 641 -2.31 13.83 -13.37
CA VAL A 641 -3.55 13.87 -14.16
C VAL A 641 -3.23 14.00 -15.63
N ARG A 642 -2.17 14.76 -15.95
CA ARG A 642 -1.71 14.89 -17.32
C ARG A 642 -1.32 13.53 -17.90
N ASP A 643 -0.50 12.76 -17.17
CA ASP A 643 -0.14 11.40 -17.59
C ASP A 643 -1.37 10.56 -17.85
N THR A 644 -2.44 10.80 -17.08
CA THR A 644 -3.57 9.90 -17.01
C THR A 644 -4.56 10.13 -18.16
N MET A 645 -4.68 11.36 -18.66
CA MET A 645 -5.79 11.61 -19.58
C MET A 645 -5.57 12.79 -20.52
N SER A 646 -4.35 13.27 -20.70
CA SER A 646 -4.14 14.36 -21.66
C SER A 646 -4.46 13.96 -23.10
N ASP A 647 -4.49 12.67 -23.41
CA ASP A 647 -4.73 12.21 -24.77
C ASP A 647 -6.21 12.07 -25.12
N LEU A 648 -7.10 12.29 -24.19
CA LEU A 648 -8.49 11.98 -24.50
C LEU A 648 -9.13 13.17 -25.20
N PRO A 649 -9.92 12.93 -26.24
CA PRO A 649 -10.55 14.05 -26.95
C PRO A 649 -11.58 14.77 -26.09
N GLU A 650 -11.73 16.05 -26.38
CA GLU A 650 -12.72 16.86 -25.67
C GLU A 650 -14.13 16.33 -25.92
N VAL A 651 -14.93 16.26 -24.85
CA VAL A 651 -16.34 15.93 -24.94
C VAL A 651 -17.12 16.93 -24.10
N ARG A 652 -18.43 16.93 -24.28
CA ARG A 652 -19.29 17.88 -23.59
C ARG A 652 -19.92 17.25 -22.36
N ASN A 653 -20.45 18.10 -21.49
CA ASN A 653 -21.35 17.63 -20.44
C ASN A 653 -22.49 16.82 -21.06
N GLY A 654 -22.67 15.60 -20.60
CA GLY A 654 -23.70 14.72 -21.11
C GLY A 654 -23.26 13.82 -22.25
N ALA A 655 -21.98 13.86 -22.64
CA ALA A 655 -21.42 13.00 -23.68
C ALA A 655 -21.91 11.57 -23.55
N SER A 656 -22.51 11.08 -24.62
CA SER A 656 -23.14 9.77 -24.62
C SER A 656 -22.61 8.82 -25.70
N ALA A 657 -21.79 9.30 -26.62
CA ALA A 657 -21.24 8.44 -27.66
C ALA A 657 -20.33 7.38 -27.05
N LEU A 658 -20.75 6.11 -27.11
CA LEU A 658 -20.04 5.04 -26.43
C LEU A 658 -18.74 4.65 -27.13
N GLU A 659 -18.61 4.99 -28.40
CA GLU A 659 -17.46 4.57 -29.19
C GLU A 659 -17.04 5.72 -30.10
N ILE A 660 -15.93 6.38 -29.77
CA ILE A 660 -15.47 7.51 -30.54
C ILE A 660 -14.03 7.28 -30.99
N SER A 661 -13.46 8.25 -31.70
CA SER A 661 -12.07 8.19 -32.11
C SER A 661 -11.18 8.83 -31.04
N TYR A 662 -9.98 8.27 -30.88
CA TYR A 662 -8.98 8.86 -30.00
C TYR A 662 -8.41 10.16 -30.55
N ASN A 663 -8.49 10.36 -31.86
CA ASN A 663 -7.94 11.52 -32.57
C ASN A 663 -6.42 11.66 -32.44
N GLY A 664 -5.73 10.63 -31.95
CA GLY A 664 -4.28 10.70 -31.88
C GLY A 664 -3.62 9.58 -31.11
N GLU A 665 -2.32 9.42 -31.28
CA GLU A 665 -1.57 8.37 -30.59
C GLU A 665 -1.43 8.70 -29.11
N PRO A 666 -1.18 7.70 -28.27
CA PRO A 666 -0.89 7.98 -26.85
C PRO A 666 0.30 8.93 -26.73
N GLN A 667 0.24 9.79 -25.71
CA GLN A 667 1.27 10.80 -25.52
C GLN A 667 2.23 10.48 -24.37
N SER A 668 1.78 9.81 -23.32
CA SER A 668 2.60 9.53 -22.16
C SER A 668 2.87 8.04 -22.04
N TRP A 669 3.90 7.72 -21.26
CA TRP A 669 4.21 6.32 -20.96
C TRP A 669 3.00 5.61 -20.40
N PHE A 670 2.31 6.27 -19.46
CA PHE A 670 1.13 5.70 -18.82
C PHE A 670 0.02 5.43 -19.83
N GLN A 671 -0.23 6.37 -20.73
CA GLN A 671 -1.22 6.15 -21.78
C GLN A 671 -0.78 5.04 -22.72
N ARG A 672 0.51 4.94 -23.02
CA ARG A 672 0.98 3.84 -23.87
C ARG A 672 0.70 2.50 -23.21
N GLN A 673 0.95 2.41 -21.89
CA GLN A 673 0.71 1.16 -21.18
C GLN A 673 -0.76 0.81 -21.18
N LEU A 674 -1.61 1.79 -20.88
CA LEU A 674 -3.02 1.50 -20.70
C LEU A 674 -3.75 1.30 -22.02
N ARG A 675 -3.28 1.89 -23.11
CA ARG A 675 -3.89 1.64 -24.41
C ARG A 675 -3.42 0.34 -25.05
N GLY A 676 -2.26 -0.18 -24.66
CA GLY A 676 -1.84 -1.48 -25.08
C GLY A 676 -0.99 -1.45 -26.33
N ALA A 677 -0.39 -2.61 -26.63
CA ALA A 677 0.45 -2.71 -27.82
C ALA A 677 -0.37 -2.69 -29.10
N GLN A 678 -1.36 -3.58 -29.19
CA GLN A 678 -2.20 -3.65 -30.38
C GLN A 678 -2.96 -2.35 -30.58
N TYR A 679 -2.85 -1.79 -31.79
CA TYR A 679 -3.57 -0.58 -32.15
C TYR A 679 -5.05 -0.71 -31.81
N GLN A 680 -5.61 0.35 -31.21
CA GLN A 680 -7.02 0.39 -30.86
C GLN A 680 -7.73 1.46 -31.66
N PRO A 681 -8.59 1.10 -32.62
CA PRO A 681 -9.22 2.12 -33.46
C PRO A 681 -10.35 2.88 -32.76
N ILE A 682 -10.86 2.39 -31.63
CA ILE A 682 -12.06 2.93 -30.99
C ILE A 682 -11.78 3.19 -29.53
N LEU A 683 -12.17 4.39 -29.06
CA LEU A 683 -12.14 4.75 -27.65
C LEU A 683 -13.53 4.52 -27.06
N ARG A 684 -13.61 3.64 -26.05
CA ARG A 684 -14.88 3.28 -25.42
C ARG A 684 -15.10 4.02 -24.11
N ASP A 685 -16.38 4.30 -23.85
CA ASP A 685 -16.86 4.72 -22.54
C ASP A 685 -16.27 6.06 -22.11
N HIS A 686 -15.92 6.91 -23.06
CA HIS A 686 -15.53 8.28 -22.74
C HIS A 686 -16.79 9.13 -22.71
N ILE A 687 -17.66 8.80 -21.75
CA ILE A 687 -18.99 9.38 -21.62
C ILE A 687 -19.13 10.02 -20.24
N CYS A 688 -19.96 11.06 -20.17
CA CYS A 688 -20.14 11.85 -18.95
C CYS A 688 -21.60 11.91 -18.54
N LYS A 689 -21.81 11.97 -17.23
CA LYS A 689 -23.14 12.22 -16.71
C LYS A 689 -23.68 13.54 -17.27
N ASP A 690 -24.99 13.59 -17.47
CA ASP A 690 -25.65 14.78 -18.00
C ASP A 690 -26.11 15.62 -16.81
N MET A 691 -25.28 16.56 -16.40
CA MET A 691 -25.61 17.40 -15.26
C MET A 691 -26.66 18.43 -15.64
N SER A 692 -27.48 18.80 -14.65
CA SER A 692 -28.57 19.75 -14.88
C SER A 692 -28.04 21.10 -15.37
N ALA A 693 -28.97 21.92 -15.85
CA ALA A 693 -28.62 23.24 -16.36
C ALA A 693 -27.96 24.09 -15.29
N LEU A 694 -28.46 24.04 -14.05
CA LEU A 694 -27.85 24.81 -12.97
C LEU A 694 -26.44 24.33 -12.67
N VAL A 695 -26.27 23.02 -12.48
CA VAL A 695 -24.96 22.47 -12.18
C VAL A 695 -23.99 22.74 -13.32
N ALA A 696 -24.46 22.57 -14.56
CA ALA A 696 -23.62 22.84 -15.72
C ALA A 696 -23.16 24.30 -15.74
N ALA A 697 -24.07 25.24 -15.44
CA ALA A 697 -23.66 26.64 -15.35
C ALA A 697 -22.63 26.84 -14.25
N ARG A 698 -22.83 26.22 -13.08
CA ARG A 698 -21.81 26.29 -12.03
C ARG A 698 -20.45 25.88 -12.57
N MET A 699 -20.38 24.71 -13.20
CA MET A 699 -19.11 24.21 -13.72
C MET A 699 -18.50 25.18 -14.72
N ARG A 700 -19.32 25.77 -15.60
CA ARG A 700 -18.80 26.70 -16.59
C ARG A 700 -18.17 27.93 -15.95
N HIS A 701 -18.43 28.17 -14.66
CA HIS A 701 -17.96 29.38 -13.98
C HIS A 701 -16.84 29.11 -12.98
N ILE A 702 -16.33 27.89 -12.92
CA ILE A 702 -15.18 27.56 -12.08
C ILE A 702 -13.91 27.88 -12.87
N PRO A 703 -13.04 28.77 -12.40
CA PRO A 703 -11.82 29.10 -13.13
C PRO A 703 -10.96 27.87 -13.38
N LEU A 704 -10.07 27.98 -14.36
CA LEU A 704 -9.22 26.85 -14.74
C LEU A 704 -7.93 26.78 -13.93
N ALA A 705 -7.57 27.85 -13.22
CA ALA A 705 -6.33 27.87 -12.47
C ALA A 705 -6.33 26.79 -11.37
N PRO A 706 -5.16 26.26 -11.03
CA PRO A 706 -5.09 25.23 -9.99
C PRO A 706 -5.66 25.68 -8.66
N GLY A 707 -6.43 24.80 -8.03
CA GLY A 707 -7.07 25.06 -6.76
C GLY A 707 -8.45 25.67 -6.87
N SER A 708 -9.02 25.73 -8.06
CA SER A 708 -10.31 26.38 -8.23
C SER A 708 -11.42 25.44 -7.81
N ASP A 709 -12.30 25.91 -6.94
CA ASP A 709 -13.47 25.13 -6.58
C ASP A 709 -14.63 26.09 -6.34
N TRP A 710 -15.66 25.62 -5.63
CA TRP A 710 -16.89 26.39 -5.48
C TRP A 710 -16.65 27.76 -4.85
N ARG A 711 -15.56 27.92 -4.09
CA ARG A 711 -15.34 29.21 -3.45
C ARG A 711 -15.01 30.31 -4.45
N ASP A 712 -14.66 29.97 -5.69
CA ASP A 712 -14.33 30.97 -6.70
C ASP A 712 -15.53 31.40 -7.54
N LEU A 713 -16.75 31.01 -7.16
CA LEU A 713 -17.90 31.24 -8.03
C LEU A 713 -18.34 32.71 -7.98
N PRO A 714 -18.66 33.31 -9.11
CA PRO A 714 -19.23 34.67 -9.09
C PRO A 714 -20.61 34.66 -8.48
N ASN A 715 -20.96 35.73 -7.78
CA ASN A 715 -22.29 35.86 -7.21
C ASN A 715 -23.13 36.67 -8.20
N ILE A 716 -23.71 35.97 -9.18
CA ILE A 716 -24.44 36.58 -10.27
C ILE A 716 -25.67 35.74 -10.61
N GLU A 717 -26.62 36.37 -11.28
CA GLU A 717 -27.68 35.63 -11.97
C GLU A 717 -27.16 35.22 -13.34
N VAL A 718 -27.49 33.99 -13.76
CA VAL A 718 -27.15 33.55 -15.10
C VAL A 718 -28.39 32.92 -15.75
N ARG A 719 -28.51 33.12 -17.04
CA ARG A 719 -29.56 32.47 -17.82
C ARG A 719 -29.10 31.07 -18.19
N LEU A 720 -29.82 30.06 -17.71
CA LEU A 720 -29.45 28.66 -17.93
C LEU A 720 -29.93 28.19 -19.30
N SER A 721 -29.28 27.14 -19.81
CA SER A 721 -29.73 26.53 -21.07
C SER A 721 -31.16 26.01 -20.97
N ASP A 722 -31.65 25.81 -19.74
CA ASP A 722 -33.03 25.43 -19.48
C ASP A 722 -34.04 26.46 -19.97
N GLY A 723 -33.61 27.70 -20.16
CA GLY A 723 -34.50 28.82 -20.09
C GLY A 723 -34.72 29.35 -18.69
N THR A 724 -34.46 28.53 -17.67
CA THR A 724 -34.59 28.97 -16.29
C THR A 724 -33.43 29.88 -15.91
N MET A 725 -33.41 30.31 -14.64
CA MET A 725 -32.51 31.37 -14.21
C MET A 725 -31.85 30.98 -12.89
N ALA A 726 -30.51 30.91 -12.89
CA ALA A 726 -29.78 30.74 -11.63
C ALA A 726 -29.82 32.03 -10.83
N ARG A 727 -30.22 31.92 -9.56
CA ARG A 727 -30.46 33.09 -8.74
C ARG A 727 -29.21 33.49 -7.96
N LYS A 728 -29.19 34.74 -7.54
CA LYS A 728 -28.06 35.30 -6.80
C LYS A 728 -28.20 34.98 -5.31
N LEU A 729 -27.08 34.61 -4.70
CA LEU A 729 -27.05 34.33 -3.27
C LEU A 729 -26.82 35.63 -2.50
N ARG A 730 -27.73 35.93 -1.57
CA ARG A 730 -27.66 37.16 -0.80
C ARG A 730 -27.43 36.83 0.67
N TYR A 731 -26.50 37.56 1.27
CA TYR A 731 -25.98 37.25 2.60
C TYR A 731 -26.79 37.99 3.66
N THR A 732 -27.72 37.26 4.28
CA THR A 732 -28.71 37.80 5.20
C THR A 732 -28.16 37.95 6.62
N HIS A 733 -27.78 36.85 7.25
CA HIS A 733 -27.41 36.85 8.66
C HIS A 733 -25.96 37.27 8.85
N HIS A 734 -25.52 37.30 10.10
CA HIS A 734 -24.21 37.83 10.46
C HIS A 734 -23.44 36.81 11.28
N ASP A 735 -22.29 36.38 10.75
CA ASP A 735 -21.40 35.45 11.44
C ASP A 735 -20.24 36.25 12.03
N ARG A 736 -20.31 36.51 13.34
CA ARG A 736 -19.21 37.22 14.00
C ARG A 736 -17.90 36.44 13.85
N LYS A 737 -17.96 35.11 13.82
CA LYS A 737 -16.76 34.33 13.60
C LYS A 737 -16.19 34.56 12.19
N ASN A 738 -17.04 34.92 11.23
CA ASN A 738 -16.61 35.08 9.84
C ASN A 738 -16.40 36.53 9.43
N GLY A 739 -17.29 37.44 9.84
CA GLY A 739 -17.07 38.85 9.62
C GLY A 739 -17.89 39.49 8.52
N ARG A 740 -17.26 40.39 7.75
CA ARG A 740 -17.92 41.06 6.64
C ARG A 740 -16.85 41.46 5.62
N SER A 741 -17.29 41.68 4.39
CA SER A 741 -16.36 41.86 3.27
C SER A 741 -15.83 43.29 3.24
N SER A 742 -15.03 43.59 2.22
CA SER A 742 -14.59 44.96 1.96
C SER A 742 -15.80 45.89 1.84
N SER A 743 -16.87 45.43 1.20
CA SER A 743 -18.08 46.22 1.02
C SER A 743 -18.89 46.39 2.30
N GLY A 744 -18.52 45.68 3.38
CA GLY A 744 -19.31 45.70 4.59
C GLY A 744 -20.50 44.78 4.58
N ALA A 745 -20.68 43.98 3.53
CA ALA A 745 -21.80 43.07 3.47
C ALA A 745 -21.59 41.89 4.43
N LEU A 746 -22.69 41.37 4.93
CA LEU A 746 -22.65 40.24 5.86
C LEU A 746 -22.13 38.99 5.15
N ARG A 747 -21.90 37.92 5.93
CA ARG A 747 -21.40 36.66 5.40
C ARG A 747 -22.17 35.45 5.90
N GLY A 748 -23.31 35.66 6.56
CA GLY A 748 -24.15 34.57 7.00
C GLY A 748 -25.32 34.36 6.05
N VAL A 749 -25.85 33.14 6.06
CA VAL A 749 -26.94 32.80 5.15
C VAL A 749 -28.01 32.02 5.91
N CYS A 750 -27.91 31.98 7.25
CA CYS A 750 -28.84 31.19 8.03
C CYS A 750 -28.81 31.62 9.49
N SER A 751 -29.95 31.42 10.16
CA SER A 751 -30.07 31.72 11.58
C SER A 751 -29.26 30.76 12.46
N CYS A 752 -28.58 29.78 11.86
CA CYS A 752 -27.73 28.87 12.61
C CYS A 752 -26.33 29.44 12.87
N VAL A 753 -25.96 30.53 12.20
CA VAL A 753 -24.58 30.98 12.23
C VAL A 753 -24.19 31.59 13.58
N GLU A 754 -25.16 31.97 14.40
CA GLU A 754 -24.89 32.60 15.69
C GLU A 754 -25.44 31.76 16.82
N ALA A 755 -24.71 31.76 17.93
CA ALA A 755 -25.14 31.21 19.23
C ALA A 755 -25.61 29.77 19.05
N GLY A 756 -26.48 29.31 19.95
CA GLY A 756 -27.17 28.06 19.78
C GLY A 756 -28.61 28.28 19.34
N LYS A 757 -28.77 28.76 18.11
CA LYS A 757 -30.07 29.00 17.52
C LYS A 757 -30.48 27.77 16.69
N ALA A 758 -31.43 27.94 15.78
CA ALA A 758 -31.93 26.82 15.00
C ALA A 758 -32.11 27.27 13.55
N CYS A 759 -32.32 26.29 12.67
CA CYS A 759 -32.55 26.56 11.26
C CYS A 759 -34.02 26.92 11.04
N ASP A 760 -34.26 28.02 10.30
CA ASP A 760 -35.59 28.37 9.83
C ASP A 760 -35.58 28.48 8.31
N PRO A 761 -36.65 28.05 7.64
CA PRO A 761 -36.64 28.03 6.17
C PRO A 761 -36.63 29.40 5.51
N ALA A 762 -36.76 30.50 6.28
CA ALA A 762 -36.85 31.82 5.66
C ALA A 762 -35.54 32.21 4.99
N ALA A 763 -34.41 31.93 5.64
CA ALA A 763 -33.10 32.33 5.12
C ALA A 763 -32.52 31.35 4.11
N ARG A 764 -33.13 30.17 3.96
CA ARG A 764 -32.69 29.19 2.98
C ARG A 764 -33.02 29.67 1.58
N GLN A 765 -32.01 29.78 0.72
CA GLN A 765 -32.17 30.28 -0.63
C GLN A 765 -32.04 29.12 -1.61
N PHE A 766 -32.86 29.13 -2.66
CA PHE A 766 -32.93 28.06 -3.65
C PHE A 766 -32.36 28.53 -4.97
N ASN A 767 -31.89 27.56 -5.77
CA ASN A 767 -31.48 27.78 -7.17
C ASN A 767 -30.40 28.83 -7.29
N THR A 768 -29.58 28.98 -6.25
CA THR A 768 -28.49 29.95 -6.28
C THR A 768 -27.28 29.37 -7.00
N LEU A 769 -26.57 30.22 -7.72
CA LEU A 769 -25.39 29.77 -8.45
C LEU A 769 -24.34 29.23 -7.48
N ILE A 770 -24.11 29.96 -6.39
CA ILE A 770 -23.37 29.46 -5.23
C ILE A 770 -24.33 28.59 -4.42
N PRO A 771 -24.09 27.28 -4.32
CA PRO A 771 -25.03 26.41 -3.61
C PRO A 771 -25.18 26.82 -2.15
N TRP A 772 -26.44 26.98 -1.73
CA TRP A 772 -26.72 27.55 -0.41
C TRP A 772 -26.12 26.70 0.71
N CYS A 773 -26.15 25.38 0.56
CA CYS A 773 -25.73 24.49 1.64
C CYS A 773 -24.24 24.54 1.93
N LEU A 774 -23.45 25.21 1.10
CA LEU A 774 -22.02 25.13 1.32
C LEU A 774 -21.56 26.25 2.27
N PRO A 775 -22.03 27.51 2.11
CA PRO A 775 -21.80 28.47 3.20
C PRO A 775 -22.56 28.12 4.46
N HIS A 776 -23.69 27.42 4.33
CA HIS A 776 -24.52 27.08 5.48
C HIS A 776 -23.75 26.30 6.53
N THR A 777 -22.96 25.31 6.12
CA THR A 777 -22.24 24.46 7.06
C THR A 777 -20.72 24.49 6.82
N GLY A 778 -20.23 25.48 6.09
CA GLY A 778 -18.82 25.49 5.73
C GLY A 778 -17.87 25.66 6.90
N ASN A 779 -18.28 26.42 7.92
CA ASN A 779 -17.40 26.65 9.06
C ASN A 779 -17.02 25.37 9.79
N ARG A 780 -17.82 24.32 9.73
CA ARG A 780 -17.46 23.06 10.38
C ARG A 780 -17.06 21.97 9.39
N HIS A 781 -16.78 22.33 8.13
CA HIS A 781 -16.40 21.34 7.14
C HIS A 781 -15.22 21.80 6.32
N ASN A 782 -14.37 22.65 6.90
CA ASN A 782 -13.16 23.14 6.24
C ASN A 782 -13.49 23.89 4.96
N HIS A 783 -14.62 24.61 4.98
CA HIS A 783 -15.06 25.42 3.85
C HIS A 783 -15.34 24.58 2.62
N TRP A 784 -15.64 23.29 2.83
CA TRP A 784 -16.03 22.37 1.77
C TRP A 784 -15.04 22.45 0.61
N ALA A 785 -13.76 22.56 0.94
CA ALA A 785 -12.72 22.65 -0.07
C ALA A 785 -12.80 21.49 -1.06
N GLY A 786 -12.69 21.81 -2.34
CA GLY A 786 -12.69 20.81 -3.38
C GLY A 786 -14.04 20.50 -3.99
N LEU A 787 -15.14 20.91 -3.34
CA LEU A 787 -16.44 20.75 -3.96
C LEU A 787 -16.53 21.65 -5.17
N TYR A 788 -17.02 21.10 -6.29
CA TYR A 788 -16.94 21.75 -7.59
C TYR A 788 -15.51 22.15 -7.91
N GLY A 789 -14.56 21.31 -7.50
CA GLY A 789 -13.16 21.60 -7.71
C GLY A 789 -12.63 20.96 -8.99
N ARG A 790 -11.76 21.70 -9.68
CA ARG A 790 -11.13 21.17 -10.89
C ARG A 790 -9.89 20.38 -10.52
N LEU A 791 -9.69 19.27 -11.24
CA LEU A 791 -8.40 18.60 -11.18
C LEU A 791 -7.33 19.50 -11.80
N GLU A 792 -6.09 19.26 -11.41
CA GLU A 792 -4.94 19.96 -11.94
C GLU A 792 -4.10 19.00 -12.75
N TRP A 793 -3.63 19.48 -13.91
CA TRP A 793 -2.84 18.62 -14.79
C TRP A 793 -1.63 18.05 -14.06
N ASP A 794 -0.99 18.85 -13.20
CA ASP A 794 0.23 18.40 -12.53
C ASP A 794 -0.04 17.59 -11.28
N GLY A 795 -1.29 17.48 -10.85
CA GLY A 795 -1.64 16.85 -9.61
C GLY A 795 -2.19 15.45 -9.80
N PHE A 796 -3.10 15.06 -8.90
CA PHE A 796 -3.65 13.72 -8.86
C PHE A 796 -5.13 13.77 -8.49
N PHE A 797 -5.84 12.69 -8.79
CA PHE A 797 -7.24 12.55 -8.39
C PHE A 797 -7.36 12.38 -6.89
N SER A 798 -8.43 12.93 -6.31
CA SER A 798 -8.91 12.44 -5.03
C SER A 798 -9.52 11.06 -5.22
N THR A 799 -9.83 10.40 -4.10
CA THR A 799 -10.30 9.01 -4.18
C THR A 799 -11.51 8.90 -5.11
N THR A 800 -11.40 8.02 -6.10
CA THR A 800 -12.45 7.82 -7.09
C THR A 800 -13.55 6.94 -6.49
N VAL A 801 -14.72 7.52 -6.29
CA VAL A 801 -15.84 6.82 -5.65
C VAL A 801 -16.81 6.31 -6.70
N THR A 802 -17.97 5.79 -6.28
CA THR A 802 -18.87 5.10 -7.21
C THR A 802 -19.66 6.05 -8.09
N ASN A 803 -19.86 7.31 -7.68
CA ASN A 803 -20.64 8.26 -8.44
C ASN A 803 -20.05 9.66 -8.31
N PRO A 804 -19.31 10.13 -9.30
CA PRO A 804 -18.65 11.44 -9.17
C PRO A 804 -19.65 12.58 -9.15
N GLU A 805 -19.82 13.20 -7.98
CA GLU A 805 -20.72 14.30 -7.77
C GLU A 805 -19.94 15.54 -7.36
N PRO A 806 -20.09 16.66 -8.06
CA PRO A 806 -19.37 17.89 -7.66
C PRO A 806 -19.77 18.43 -6.29
N MET A 807 -20.94 18.10 -5.77
CA MET A 807 -21.29 18.49 -4.42
C MET A 807 -21.16 17.35 -3.42
N GLY A 808 -20.62 16.22 -3.84
CA GLY A 808 -20.32 15.16 -2.90
C GLY A 808 -19.13 15.53 -2.02
N LYS A 809 -18.94 14.74 -0.97
CA LYS A 809 -17.78 14.91 -0.10
C LYS A 809 -16.47 14.78 -0.89
N GLN A 810 -16.45 13.92 -1.90
CA GLN A 810 -15.34 13.85 -2.86
C GLN A 810 -15.69 14.68 -4.09
N GLY A 811 -15.70 15.99 -3.90
CA GLY A 811 -16.25 16.89 -4.89
C GLY A 811 -15.34 17.35 -6.01
N ARG A 812 -14.05 16.98 -5.99
CA ARG A 812 -13.09 17.49 -6.97
C ARG A 812 -13.13 16.60 -8.22
N VAL A 813 -14.20 16.74 -8.98
CA VAL A 813 -14.48 15.86 -10.11
C VAL A 813 -14.56 16.58 -11.44
N LEU A 814 -14.35 17.90 -11.46
CA LEU A 814 -14.37 18.64 -12.70
C LEU A 814 -13.07 18.43 -13.49
N HIS A 815 -13.22 18.34 -14.81
CA HIS A 815 -12.08 18.28 -15.71
C HIS A 815 -11.21 19.53 -15.55
N PRO A 816 -9.90 19.41 -15.73
CA PRO A 816 -9.03 20.58 -15.62
C PRO A 816 -9.41 21.74 -16.53
N GLU A 817 -10.04 21.47 -17.67
CA GLU A 817 -10.33 22.53 -18.63
C GLU A 817 -11.77 22.51 -19.14
N GLN A 818 -12.28 21.34 -19.50
CA GLN A 818 -13.63 21.27 -20.02
C GLN A 818 -14.63 21.39 -18.88
N HIS A 819 -15.79 21.96 -19.19
CA HIS A 819 -16.79 22.28 -18.17
C HIS A 819 -17.71 21.08 -17.94
N ARG A 820 -17.13 20.05 -17.36
CA ARG A 820 -17.86 18.80 -17.20
C ARG A 820 -17.23 18.00 -16.08
N VAL A 821 -17.95 16.99 -15.63
CA VAL A 821 -17.43 15.98 -14.73
C VAL A 821 -16.59 15.00 -15.53
N VAL A 822 -15.56 14.43 -14.87
CA VAL A 822 -14.70 13.45 -15.50
C VAL A 822 -15.55 12.33 -16.07
N SER A 823 -15.09 11.73 -17.16
CA SER A 823 -15.84 10.69 -17.82
C SER A 823 -15.60 9.34 -17.15
N VAL A 824 -16.36 8.34 -17.59
CA VAL A 824 -16.12 6.99 -17.12
C VAL A 824 -14.72 6.55 -17.50
N ARG A 825 -14.28 6.88 -18.73
CA ARG A 825 -12.94 6.50 -19.15
C ARG A 825 -11.87 7.17 -18.29
N GLU A 826 -12.06 8.46 -17.96
CA GLU A 826 -11.11 9.18 -17.12
C GLU A 826 -11.05 8.59 -15.70
N CYS A 827 -12.19 8.20 -15.14
CA CYS A 827 -12.19 7.52 -13.84
C CYS A 827 -11.51 6.17 -13.93
N ALA A 828 -11.77 5.43 -15.01
CA ALA A 828 -11.06 4.17 -15.20
C ALA A 828 -9.56 4.40 -15.31
N ARG A 829 -9.16 5.45 -16.04
CA ARG A 829 -7.74 5.77 -16.14
C ARG A 829 -7.17 6.11 -14.76
N SER A 830 -7.94 6.82 -13.94
CA SER A 830 -7.46 7.17 -12.60
C SER A 830 -7.24 5.94 -11.73
N GLN A 831 -7.93 4.85 -12.05
CA GLN A 831 -7.85 3.58 -11.35
C GLN A 831 -6.89 2.61 -12.01
N GLY A 832 -6.23 3.01 -13.11
CA GLY A 832 -5.27 2.15 -13.76
C GLY A 832 -5.87 1.00 -14.55
N PHE A 833 -7.11 1.13 -15.01
CA PHE A 833 -7.65 0.09 -15.85
C PHE A 833 -7.09 0.21 -17.28
N PRO A 834 -6.74 -0.89 -17.93
CA PRO A 834 -6.50 -0.83 -19.38
C PRO A 834 -7.72 -0.28 -20.11
N ASP A 835 -7.46 0.45 -21.21
CA ASP A 835 -8.55 0.97 -22.02
C ASP A 835 -9.42 -0.11 -22.64
N THR A 836 -8.89 -1.31 -22.83
CA THR A 836 -9.66 -2.41 -23.36
C THR A 836 -10.50 -3.10 -22.31
N TYR A 837 -10.43 -2.66 -21.06
CA TYR A 837 -11.13 -3.36 -19.99
C TYR A 837 -12.62 -3.02 -20.05
N ARG A 838 -13.44 -4.04 -20.23
CA ARG A 838 -14.85 -3.82 -20.50
C ARG A 838 -15.64 -3.57 -19.23
N LEU A 839 -16.54 -2.60 -19.28
CA LEU A 839 -17.55 -2.33 -18.26
C LEU A 839 -18.92 -2.71 -18.83
N PHE A 840 -19.96 -2.60 -18.01
CA PHE A 840 -21.28 -3.03 -18.46
C PHE A 840 -22.39 -2.22 -17.79
N GLY A 841 -23.42 -1.89 -18.56
CA GLY A 841 -24.61 -1.23 -18.02
C GLY A 841 -24.71 0.23 -18.44
N ASN A 842 -25.58 0.96 -17.74
CA ASN A 842 -25.67 2.39 -17.98
C ASN A 842 -24.51 3.11 -17.30
N ILE A 843 -24.41 4.42 -17.52
CA ILE A 843 -23.20 5.15 -17.13
C ILE A 843 -23.00 5.11 -15.62
N LEU A 844 -24.09 5.07 -14.86
CA LEU A 844 -23.95 5.02 -13.41
C LEU A 844 -23.49 3.65 -12.95
N ASP A 845 -23.96 2.59 -13.62
CA ASP A 845 -23.40 1.26 -13.39
C ASP A 845 -21.90 1.26 -13.62
N LYS A 846 -21.46 1.87 -14.71
CA LYS A 846 -20.04 1.84 -15.07
C LYS A 846 -19.20 2.63 -14.06
N HIS A 847 -19.64 3.83 -13.69
CA HIS A 847 -18.95 4.60 -12.65
C HIS A 847 -18.82 3.80 -11.35
N ARG A 848 -19.85 3.04 -11.02
CA ARG A 848 -19.81 2.25 -9.78
C ARG A 848 -18.81 1.11 -9.91
N GLN A 849 -18.83 0.40 -11.04
CA GLN A 849 -17.87 -0.67 -11.26
C GLN A 849 -16.43 -0.17 -11.12
N VAL A 850 -16.16 1.03 -11.65
CA VAL A 850 -14.81 1.58 -11.61
C VAL A 850 -14.47 2.04 -10.20
N GLY A 851 -15.39 2.81 -9.58
CA GLY A 851 -15.12 3.33 -8.25
C GLY A 851 -15.00 2.27 -7.17
N ASN A 852 -15.64 1.11 -7.36
CA ASN A 852 -15.55 0.06 -6.35
C ASN A 852 -14.24 -0.69 -6.39
N ALA A 853 -13.48 -0.55 -7.47
CA ALA A 853 -12.47 -1.56 -7.79
C ALA A 853 -11.15 -1.29 -7.08
N VAL A 854 -10.41 -2.36 -6.86
CA VAL A 854 -8.98 -2.23 -6.55
C VAL A 854 -8.24 -1.81 -7.81
N PRO A 855 -7.45 -0.73 -7.77
CA PRO A 855 -6.62 -0.38 -8.94
C PRO A 855 -5.74 -1.55 -9.35
N PRO A 856 -5.79 -1.96 -10.61
CA PRO A 856 -4.99 -3.10 -11.07
C PRO A 856 -3.50 -2.92 -10.84
N PRO A 857 -2.92 -1.71 -10.95
CA PRO A 857 -1.49 -1.58 -10.62
C PRO A 857 -1.17 -1.88 -9.17
N LEU A 858 -2.08 -1.52 -8.25
CA LEU A 858 -1.91 -1.87 -6.85
C LEU A 858 -2.04 -3.38 -6.64
N ALA A 859 -3.09 -3.99 -7.21
CA ALA A 859 -3.24 -5.43 -7.11
C ALA A 859 -2.06 -6.15 -7.77
N LYS A 860 -1.50 -5.60 -8.85
CA LYS A 860 -0.37 -6.25 -9.49
C LYS A 860 0.87 -6.23 -8.59
N ALA A 861 1.11 -5.10 -7.90
CA ALA A 861 2.23 -5.02 -6.96
C ALA A 861 2.10 -6.06 -5.85
N ILE A 862 0.92 -6.16 -5.25
CA ILE A 862 0.66 -7.19 -4.25
C ILE A 862 0.89 -8.57 -4.85
N GLY A 863 0.40 -8.80 -6.08
CA GLY A 863 0.52 -10.12 -6.67
C GLY A 863 1.94 -10.56 -6.92
N LEU A 864 2.84 -9.62 -7.23
CA LEU A 864 4.25 -10.00 -7.43
C LEU A 864 4.91 -10.38 -6.11
N GLU A 865 4.42 -9.83 -4.99
CA GLU A 865 4.89 -10.27 -3.68
C GLU A 865 4.43 -11.69 -3.38
N ILE A 866 3.21 -12.04 -3.81
CA ILE A 866 2.78 -13.42 -3.64
C ILE A 866 3.59 -14.34 -4.55
N LYS A 867 3.98 -13.88 -5.74
CA LYS A 867 4.77 -14.70 -6.65
C LYS A 867 6.12 -15.09 -6.02
N LEU A 868 6.78 -14.15 -5.34
CA LEU A 868 8.03 -14.48 -4.65
C LEU A 868 7.84 -15.59 -3.64
N CYS A 869 6.68 -15.64 -2.98
CA CYS A 869 6.41 -16.71 -2.02
C CYS A 869 6.16 -18.04 -2.70
N MET A 870 5.54 -18.03 -3.89
CA MET A 870 5.37 -19.26 -4.64
C MET A 870 6.72 -19.82 -5.08
N LEU A 871 7.63 -18.94 -5.49
CA LEU A 871 8.95 -19.39 -5.93
C LEU A 871 9.84 -19.79 -4.76
N ALA A 872 9.62 -19.19 -3.58
CA ALA A 872 10.44 -19.50 -2.41
C ALA A 872 9.98 -20.75 -1.66
N LYS A 873 8.76 -21.23 -1.90
CA LYS A 873 8.30 -22.44 -1.21
C LYS A 873 8.90 -23.69 -1.85
N ALA A 874 8.53 -23.96 -3.11
CA ALA A 874 9.01 -25.11 -3.87
C ALA A 874 8.82 -24.88 -5.37
#